data_5AHW
#
_entry.id   5AHW
#
_cell.length_a   82.530
_cell.length_b   126.780
_cell.length_c   151.720
_cell.angle_alpha   90.00
_cell.angle_beta   90.00
_cell.angle_gamma   90.00
#
_symmetry.space_group_name_H-M   'C 2 2 21'
#
loop_
_entity.id
_entity.type
_entity.pdbx_description
1 polymer 'UNIVERSAL STRESS PROTEIN'
2 non-polymer "ADENOSINE-3',5'-CYCLIC-MONOPHOSPHATE"
3 non-polymer 'SULFATE ION'
4 non-polymer 'CHLORIDE ION'
5 non-polymer (20S)-2,5,8,11,14,17-HEXAMETHYL-3,6,9,12,15,18-HEXAOXAHENICOSANE-1,20-DIOL
6 water water
#
_entity_poly.entity_id   1
_entity_poly.type   'polypeptide(L)'
_entity_poly.pdbx_seq_one_letter_code
;MSAYQTVVVGTDGSDSSLRAVDRAGQIAAASNAKLIIATAYFPQSEDSRAADVLKDEGYKMAGNAPIYAILREANDRAKA
AGATDIEERPVVGAPVDALVELADEVKADLLVVGNVGLSTIAGRLLGSVPANVARRSKTDVLIVHTS
;
_entity_poly.pdbx_strand_id   A,B,C,D,E,F
#
# COMPACT_ATOMS: atom_id res chain seq x y z
N SER A 2 -20.15 -15.75 -4.77
CA SER A 2 -20.77 -16.81 -3.91
C SER A 2 -19.65 -17.69 -3.34
N ALA A 3 -19.67 -17.90 -2.02
CA ALA A 3 -18.53 -18.48 -1.34
C ALA A 3 -18.32 -19.99 -1.60
N TYR A 4 -17.50 -20.63 -0.76
CA TYR A 4 -17.52 -22.07 -0.50
C TYR A 4 -18.60 -22.33 0.61
N GLN A 5 -19.44 -23.35 0.49
CA GLN A 5 -20.49 -23.63 1.50
C GLN A 5 -20.34 -24.96 2.19
N THR A 6 -19.63 -25.90 1.58
CA THR A 6 -19.34 -27.16 2.24
C THR A 6 -17.88 -27.50 2.10
N VAL A 7 -17.18 -27.55 3.24
CA VAL A 7 -15.73 -27.78 3.24
C VAL A 7 -15.44 -29.15 3.86
N VAL A 8 -14.70 -30.00 3.15
CA VAL A 8 -14.25 -31.24 3.72
C VAL A 8 -12.78 -31.16 4.04
N VAL A 9 -12.36 -31.62 5.21
CA VAL A 9 -10.90 -31.66 5.56
C VAL A 9 -10.57 -33.06 5.99
N GLY A 10 -9.50 -33.60 5.47
CA GLY A 10 -9.07 -34.89 5.90
C GLY A 10 -8.05 -34.81 7.01
N THR A 11 -8.23 -35.62 8.05
CA THR A 11 -7.17 -35.78 9.07
C THR A 11 -6.94 -37.26 9.40
N ASP A 12 -5.69 -37.64 9.66
CA ASP A 12 -5.33 -38.96 10.15
C ASP A 12 -4.88 -38.88 11.60
N GLY A 13 -5.09 -37.71 12.20
CA GLY A 13 -4.69 -37.50 13.56
C GLY A 13 -3.30 -36.96 13.72
N SER A 14 -2.52 -36.90 12.64
CA SER A 14 -1.18 -36.39 12.74
C SER A 14 -1.26 -34.93 13.04
N ASP A 15 -0.23 -34.43 13.71
CA ASP A 15 -0.07 -33.03 14.00
C ASP A 15 0.00 -32.21 12.75
N SER A 16 0.55 -32.77 11.67
CA SER A 16 0.61 -32.03 10.42
C SER A 16 -0.81 -31.93 9.87
N SER A 17 -1.55 -33.02 9.82
CA SER A 17 -2.90 -32.96 9.31
C SER A 17 -3.80 -32.05 10.25
N LEU A 18 -3.48 -31.89 11.52
CA LEU A 18 -4.30 -30.96 12.37
C LEU A 18 -4.07 -29.50 12.00
N ARG A 19 -2.92 -29.21 11.34
CA ARG A 19 -2.71 -27.84 10.87
C ARG A 19 -3.58 -27.65 9.65
N ALA A 20 -3.76 -28.69 8.84
CA ALA A 20 -4.72 -28.59 7.75
C ALA A 20 -6.18 -28.35 8.28
N VAL A 21 -6.54 -29.01 9.38
CA VAL A 21 -7.87 -28.76 10.08
C VAL A 21 -8.00 -27.32 10.54
N ASP A 22 -6.90 -26.78 11.09
CA ASP A 22 -6.87 -25.38 11.55
C ASP A 22 -7.25 -24.44 10.40
N ARG A 23 -6.62 -24.63 9.24
CA ARG A 23 -6.88 -23.78 8.07
C ARG A 23 -8.28 -23.98 7.47
N ALA A 24 -8.70 -25.20 7.40
CA ALA A 24 -10.06 -25.48 6.92
C ALA A 24 -11.14 -24.85 7.83
N GLY A 25 -10.95 -24.97 9.13
CA GLY A 25 -11.82 -24.26 10.11
C GLY A 25 -11.91 -22.77 9.82
N GLN A 26 -10.75 -22.15 9.61
CA GLN A 26 -10.75 -20.72 9.37
C GLN A 26 -11.44 -20.37 8.05
N ILE A 27 -11.21 -21.20 7.02
CA ILE A 27 -11.88 -20.91 5.78
C ILE A 27 -13.40 -21.04 5.90
N ALA A 28 -13.81 -22.02 6.69
CA ALA A 28 -15.21 -22.28 6.86
C ALA A 28 -15.84 -21.07 7.58
N ALA A 29 -15.22 -20.68 8.67
CA ALA A 29 -15.62 -19.47 9.35
C ALA A 29 -15.75 -18.30 8.35
N ALA A 30 -14.71 -17.99 7.61
CA ALA A 30 -14.74 -16.79 6.76
C ALA A 30 -15.73 -16.89 5.63
N SER A 31 -16.05 -18.11 5.23
CA SER A 31 -16.93 -18.35 4.09
C SER A 31 -18.34 -18.49 4.55
N ASN A 32 -18.53 -18.65 5.86
CA ASN A 32 -19.84 -19.04 6.37
C ASN A 32 -20.24 -20.43 5.89
N ALA A 33 -19.30 -21.37 5.82
CA ALA A 33 -19.61 -22.72 5.35
C ALA A 33 -19.69 -23.75 6.45
N LYS A 34 -20.35 -24.85 6.16
CA LYS A 34 -20.26 -26.03 6.97
C LYS A 34 -18.94 -26.74 6.79
N LEU A 35 -18.31 -27.18 7.87
CA LEU A 35 -17.10 -28.01 7.78
C LEU A 35 -17.41 -29.47 8.06
N ILE A 36 -16.95 -30.36 7.18
CA ILE A 36 -16.95 -31.79 7.45
C ILE A 36 -15.60 -32.35 7.67
N ILE A 37 -15.40 -32.96 8.82
CA ILE A 37 -14.11 -33.50 9.17
C ILE A 37 -14.09 -35.00 8.95
N ALA A 38 -13.20 -35.48 8.08
CA ALA A 38 -13.22 -36.84 7.62
C ALA A 38 -11.93 -37.54 7.93
N THR A 39 -12.05 -38.78 8.40
CA THR A 39 -10.90 -39.61 8.70
C THR A 39 -11.19 -40.98 8.07
N ALA A 40 -10.34 -41.36 7.10
CA ALA A 40 -10.44 -42.64 6.43
C ALA A 40 -9.71 -43.68 7.26
N TYR A 41 -10.22 -44.90 7.33
CA TYR A 41 -9.51 -45.94 8.09
C TYR A 41 -9.84 -47.28 7.55
N PHE A 42 -9.12 -48.29 8.03
CA PHE A 42 -9.42 -49.71 7.76
C PHE A 42 -9.79 -50.40 9.09
N PRO A 43 -10.71 -51.39 9.04
CA PRO A 43 -11.41 -52.02 10.21
C PRO A 43 -10.57 -52.31 11.46
N ALA A 65 -12.00 -47.44 19.49
CA ALA A 65 -11.86 -46.52 18.40
C ALA A 65 -10.86 -45.38 18.71
N PRO A 66 -9.59 -45.56 18.26
CA PRO A 66 -8.73 -44.40 18.01
C PRO A 66 -9.47 -43.27 17.28
N ILE A 67 -10.41 -43.67 16.42
CA ILE A 67 -11.00 -42.75 15.45
C ILE A 67 -11.79 -41.62 16.08
N TYR A 68 -12.57 -41.91 17.09
CA TYR A 68 -13.40 -40.84 17.64
C TYR A 68 -12.53 -39.91 18.49
N ALA A 69 -11.45 -40.43 19.05
CA ALA A 69 -10.44 -39.59 19.69
C ALA A 69 -9.86 -38.55 18.68
N ILE A 70 -9.33 -39.07 17.58
CA ILE A 70 -8.89 -38.22 16.48
C ILE A 70 -9.91 -37.16 16.10
N LEU A 71 -11.15 -37.56 15.81
CA LEU A 71 -12.13 -36.62 15.32
C LEU A 71 -12.50 -35.58 16.36
N ARG A 72 -12.48 -35.97 17.65
CA ARG A 72 -12.79 -35.01 18.74
C ARG A 72 -11.66 -33.97 18.83
N GLU A 73 -10.40 -34.37 18.56
CA GLU A 73 -9.34 -33.37 18.63
C GLU A 73 -9.55 -32.41 17.48
N ALA A 74 -9.86 -32.96 16.31
CA ALA A 74 -10.03 -32.17 15.12
C ALA A 74 -11.16 -31.17 15.24
N ASN A 75 -12.29 -31.63 15.77
CA ASN A 75 -13.42 -30.74 16.11
C ASN A 75 -13.04 -29.59 17.03
N ASP A 76 -12.29 -29.93 18.07
CA ASP A 76 -11.75 -28.92 19.03
C ASP A 76 -10.90 -27.87 18.32
N ARG A 77 -10.03 -28.33 17.44
CA ARG A 77 -9.13 -27.42 16.70
C ARG A 77 -9.93 -26.58 15.71
N ALA A 78 -10.86 -27.22 15.02
CA ALA A 78 -11.66 -26.50 14.05
C ALA A 78 -12.49 -25.39 14.74
N LYS A 79 -13.07 -25.71 15.88
CA LYS A 79 -13.76 -24.67 16.67
C LYS A 79 -12.85 -23.50 17.05
N ALA A 80 -11.76 -23.82 17.75
CA ALA A 80 -10.69 -22.86 18.05
C ALA A 80 -10.46 -21.95 16.85
N ALA A 81 -10.63 -22.47 15.64
CA ALA A 81 -10.36 -21.70 14.43
C ALA A 81 -11.49 -20.83 13.94
N GLY A 82 -12.65 -20.88 14.57
CA GLY A 82 -13.76 -20.07 14.10
C GLY A 82 -14.95 -20.86 13.58
N ALA A 83 -14.80 -22.18 13.34
CA ALA A 83 -15.87 -22.97 12.75
C ALA A 83 -16.89 -23.36 13.79
N THR A 84 -18.15 -23.43 13.43
CA THR A 84 -19.16 -23.90 14.42
C THR A 84 -20.10 -24.97 13.98
N ASP A 85 -20.30 -25.00 12.66
CA ASP A 85 -21.09 -26.00 12.01
C ASP A 85 -20.19 -27.13 11.49
N ILE A 86 -20.11 -28.18 12.29
CA ILE A 86 -19.12 -29.21 12.10
C ILE A 86 -19.74 -30.56 12.17
N GLU A 87 -19.34 -31.41 11.23
CA GLU A 87 -19.65 -32.81 11.31
C GLU A 87 -18.40 -33.63 11.29
N GLU A 88 -18.37 -34.65 12.10
CA GLU A 88 -17.32 -35.61 12.09
C GLU A 88 -17.75 -36.75 11.20
N ARG A 89 -16.92 -37.20 10.25
CA ARG A 89 -17.27 -38.36 9.45
C ARG A 89 -16.20 -39.36 9.20
N PRO A 90 -16.22 -40.44 9.97
CA PRO A 90 -15.31 -41.54 9.75
C PRO A 90 -15.75 -42.26 8.51
N VAL A 91 -14.80 -42.64 7.65
CA VAL A 91 -15.12 -43.31 6.39
C VAL A 91 -14.20 -44.48 6.22
N VAL A 92 -14.74 -45.60 5.75
CA VAL A 92 -13.93 -46.79 5.50
C VAL A 92 -13.26 -46.72 4.10
N GLY A 93 -12.00 -47.17 4.06
CA GLY A 93 -11.23 -47.30 2.84
C GLY A 93 -9.92 -46.52 2.85
N ALA A 94 -9.28 -46.48 1.67
CA ALA A 94 -8.04 -45.79 1.51
C ALA A 94 -8.32 -44.28 1.50
N PRO A 95 -7.39 -43.51 2.07
CA PRO A 95 -7.58 -42.10 2.21
C PRO A 95 -8.08 -41.36 0.97
N VAL A 96 -7.45 -41.55 -0.19
CA VAL A 96 -7.87 -40.80 -1.39
C VAL A 96 -9.27 -41.21 -1.86
N ASP A 97 -9.54 -42.51 -1.84
CA ASP A 97 -10.83 -42.97 -2.30
C ASP A 97 -11.87 -42.38 -1.34
N ALA A 98 -11.64 -42.54 -0.04
CA ALA A 98 -12.66 -42.10 0.93
C ALA A 98 -12.88 -40.59 0.83
N LEU A 99 -11.83 -39.81 0.72
CA LEU A 99 -12.03 -38.34 0.65
C LEU A 99 -12.75 -37.93 -0.63
N VAL A 100 -12.41 -38.57 -1.73
CA VAL A 100 -12.92 -38.15 -3.01
C VAL A 100 -14.39 -38.54 -3.12
N GLU A 101 -14.74 -39.70 -2.60
CA GLU A 101 -16.14 -40.19 -2.64
C GLU A 101 -17.04 -39.34 -1.74
N LEU A 102 -16.57 -39.07 -0.52
CA LEU A 102 -17.27 -38.21 0.41
C LEU A 102 -17.51 -36.84 -0.16
N ALA A 103 -16.52 -36.24 -0.79
CA ALA A 103 -16.71 -34.92 -1.36
C ALA A 103 -17.81 -34.98 -2.43
N ASP A 104 -17.86 -36.10 -3.13
CA ASP A 104 -18.93 -36.28 -4.11
C ASP A 104 -20.28 -36.41 -3.45
N GLU A 105 -20.36 -37.29 -2.47
CA GLU A 105 -21.60 -37.56 -1.78
C GLU A 105 -22.14 -36.31 -1.08
N VAL A 106 -21.29 -35.49 -0.47
CA VAL A 106 -21.80 -34.32 0.25
C VAL A 106 -21.80 -33.03 -0.57
N LYS A 107 -21.47 -33.13 -1.85
CA LYS A 107 -21.39 -31.99 -2.75
C LYS A 107 -20.44 -30.88 -2.26
N ALA A 108 -19.25 -31.31 -1.82
CA ALA A 108 -18.28 -30.43 -1.20
C ALA A 108 -17.83 -29.40 -2.24
N ASP A 109 -17.62 -28.18 -1.82
CA ASP A 109 -17.12 -27.13 -2.70
C ASP A 109 -15.63 -27.08 -2.56
N LEU A 110 -15.11 -27.52 -1.42
CA LEU A 110 -13.65 -27.45 -1.22
C LEU A 110 -13.21 -28.69 -0.45
N LEU A 111 -12.16 -29.34 -0.94
CA LEU A 111 -11.48 -30.38 -0.19
C LEU A 111 -10.12 -29.92 0.34
N VAL A 112 -9.88 -30.09 1.63
CA VAL A 112 -8.68 -29.58 2.24
C VAL A 112 -7.81 -30.73 2.76
N VAL A 113 -6.54 -30.77 2.35
CA VAL A 113 -5.62 -31.76 2.85
CA VAL A 113 -5.59 -31.77 2.87
C VAL A 113 -4.27 -31.08 3.18
N GLY A 114 -3.49 -31.68 4.05
CA GLY A 114 -2.10 -31.27 4.24
C GLY A 114 -1.19 -31.79 3.14
N ASN A 115 0.08 -31.40 3.21
CA ASN A 115 1.07 -31.70 2.14
C ASN A 115 2.08 -32.83 2.37
N VAL A 116 1.92 -33.71 3.36
CA VAL A 116 2.92 -34.75 3.60
C VAL A 116 3.04 -35.67 2.38
N GLY A 117 4.30 -35.86 1.99
CA GLY A 117 4.59 -36.71 0.85
C GLY A 117 4.61 -36.02 -0.52
N LEU A 118 4.03 -34.85 -0.63
CA LEU A 118 3.88 -34.22 -1.94
C LEU A 118 5.12 -33.93 -2.76
N SER A 119 6.19 -33.50 -2.10
CA SER A 119 7.43 -33.06 -2.78
C SER A 119 8.57 -34.06 -2.63
N THR A 120 8.24 -35.30 -2.29
CA THR A 120 9.27 -36.32 -2.11
C THR A 120 9.22 -37.35 -3.23
N ILE A 121 10.37 -37.92 -3.54
CA ILE A 121 10.44 -39.02 -4.50
C ILE A 121 9.68 -40.29 -3.97
N ALA A 122 9.79 -40.58 -2.67
CA ALA A 122 8.98 -41.63 -2.08
C ALA A 122 7.49 -41.45 -2.43
N GLY A 123 7.02 -40.22 -2.35
CA GLY A 123 5.71 -39.81 -2.83
C GLY A 123 5.38 -40.03 -4.31
N ARG A 124 6.30 -39.70 -5.22
CA ARG A 124 6.07 -39.98 -6.61
C ARG A 124 5.94 -41.49 -6.75
N LEU A 125 6.60 -42.27 -5.89
CA LEU A 125 6.71 -43.72 -6.09
C LEU A 125 5.60 -44.52 -5.41
N LEU A 126 5.14 -44.06 -4.27
CA LEU A 126 4.13 -44.71 -3.48
C LEU A 126 2.76 -43.98 -3.61
N GLY A 127 2.75 -42.78 -4.15
CA GLY A 127 1.60 -41.95 -4.17
C GLY A 127 1.61 -41.14 -2.90
N SER A 128 1.06 -39.93 -2.99
CA SER A 128 0.71 -39.16 -1.84
C SER A 128 -0.75 -38.80 -1.87
N VAL A 129 -1.25 -38.60 -0.69
CA VAL A 129 -2.64 -38.13 -0.58
C VAL A 129 -2.89 -36.83 -1.31
N PRO A 130 -2.10 -35.80 -1.06
CA PRO A 130 -2.46 -34.56 -1.69
C PRO A 130 -2.38 -34.54 -3.17
N ALA A 131 -1.38 -35.16 -3.76
CA ALA A 131 -1.27 -35.22 -5.19
C ALA A 131 -2.42 -36.06 -5.78
N ASN A 132 -2.72 -37.18 -5.15
CA ASN A 132 -3.79 -38.01 -5.70
C ASN A 132 -5.17 -37.32 -5.57
N VAL A 133 -5.40 -36.71 -4.42
CA VAL A 133 -6.60 -35.92 -4.26
C VAL A 133 -6.74 -34.78 -5.26
N ALA A 134 -5.67 -33.99 -5.45
CA ALA A 134 -5.73 -32.87 -6.42
C ALA A 134 -6.13 -33.40 -7.76
N ARG A 135 -5.61 -34.56 -8.12
CA ARG A 135 -5.84 -35.07 -9.44
C ARG A 135 -7.24 -35.69 -9.55
N ARG A 136 -7.69 -36.39 -8.52
CA ARG A 136 -8.92 -37.21 -8.65
C ARG A 136 -10.19 -36.52 -8.14
N SER A 137 -10.06 -35.54 -7.24
CA SER A 137 -11.26 -34.84 -6.77
C SER A 137 -11.92 -34.12 -7.91
N LYS A 138 -13.19 -33.90 -7.84
CA LYS A 138 -13.91 -33.08 -8.78
C LYS A 138 -14.20 -31.73 -8.17
N THR A 139 -13.58 -31.42 -7.05
CA THR A 139 -13.74 -30.14 -6.37
C THR A 139 -12.37 -29.43 -6.27
N ASP A 140 -12.42 -28.15 -6.00
CA ASP A 140 -11.22 -27.39 -5.62
C ASP A 140 -10.51 -28.12 -4.48
N VAL A 141 -9.18 -28.14 -4.56
CA VAL A 141 -8.42 -28.75 -3.52
C VAL A 141 -7.40 -27.76 -2.97
N LEU A 142 -7.45 -27.59 -1.67
CA LEU A 142 -6.51 -26.70 -0.97
C LEU A 142 -5.50 -27.60 -0.36
N ILE A 143 -4.27 -27.47 -0.81
CA ILE A 143 -3.21 -28.24 -0.21
C ILE A 143 -2.45 -27.33 0.81
N VAL A 144 -2.67 -27.59 2.09
CA VAL A 144 -2.08 -26.71 3.14
C VAL A 144 -0.64 -27.12 3.34
N HIS A 145 0.24 -26.13 3.50
CA HIS A 145 1.67 -26.38 3.69
C HIS A 145 1.90 -26.70 5.15
N THR A 146 1.66 -27.92 5.51
CA THR A 146 1.64 -28.26 6.88
C THR A 146 2.95 -28.77 7.36
N SER A 147 3.84 -29.13 6.47
CA SER A 147 5.17 -29.60 6.85
C SER A 147 6.22 -29.14 5.79
N SER B 2 -6.03 -17.79 11.34
CA SER B 2 -5.10 -16.73 10.82
C SER B 2 -5.42 -16.38 9.35
N ALA B 3 -6.13 -15.30 9.09
CA ALA B 3 -6.62 -15.06 7.76
C ALA B 3 -5.55 -14.79 6.66
N TYR B 4 -5.77 -15.37 5.50
CA TYR B 4 -4.97 -15.04 4.36
C TYR B 4 -5.01 -13.49 4.16
N GLN B 5 -3.81 -12.89 4.08
CA GLN B 5 -3.63 -11.47 3.82
C GLN B 5 -3.24 -11.20 2.35
N THR B 6 -2.58 -12.16 1.72
CA THR B 6 -2.02 -11.94 0.38
C THR B 6 -2.16 -13.19 -0.47
N VAL B 7 -2.94 -13.09 -1.53
CA VAL B 7 -3.22 -14.26 -2.37
C VAL B 7 -2.64 -13.97 -3.75
N VAL B 8 -1.92 -14.92 -4.29
CA VAL B 8 -1.39 -14.84 -5.63
C VAL B 8 -2.08 -15.82 -6.55
N VAL B 9 -2.54 -15.33 -7.70
CA VAL B 9 -3.19 -16.17 -8.69
C VAL B 9 -2.52 -16.00 -10.02
N GLY B 10 -2.28 -17.13 -10.68
CA GLY B 10 -1.65 -17.19 -11.99
C GLY B 10 -2.69 -17.38 -13.05
N THR B 11 -2.67 -16.51 -14.05
CA THR B 11 -3.47 -16.68 -15.25
C THR B 11 -2.64 -16.59 -16.53
N ASP B 12 -2.87 -17.48 -17.51
CA ASP B 12 -2.32 -17.35 -18.87
C ASP B 12 -3.36 -16.82 -19.90
N GLY B 13 -4.46 -16.28 -19.44
CA GLY B 13 -5.49 -15.82 -20.35
C GLY B 13 -6.49 -16.87 -20.79
N SER B 14 -6.23 -18.13 -20.47
CA SER B 14 -7.17 -19.20 -20.75
C SER B 14 -8.46 -19.05 -19.96
N ASP B 15 -9.59 -19.48 -20.55
CA ASP B 15 -10.89 -19.50 -19.82
C ASP B 15 -10.78 -20.34 -18.57
N SER B 16 -10.09 -21.48 -18.64
CA SER B 16 -9.85 -22.32 -17.46
C SER B 16 -9.17 -21.46 -16.40
N SER B 17 -8.12 -20.76 -16.81
CA SER B 17 -7.39 -19.98 -15.79
C SER B 17 -8.24 -18.83 -15.20
N LEU B 18 -9.13 -18.25 -15.99
CA LEU B 18 -9.92 -17.17 -15.50
C LEU B 18 -10.91 -17.64 -14.43
N ARG B 19 -11.24 -18.93 -14.48
CA ARG B 19 -12.03 -19.54 -13.42
C ARG B 19 -11.20 -19.62 -12.14
N ALA B 20 -9.89 -19.86 -12.28
CA ALA B 20 -9.01 -19.81 -11.14
C ALA B 20 -8.96 -18.41 -10.54
N VAL B 21 -8.93 -17.39 -11.39
CA VAL B 21 -9.04 -16.01 -10.93
C VAL B 21 -10.39 -15.69 -10.19
N ASP B 22 -11.53 -16.09 -10.78
CA ASP B 22 -12.82 -15.96 -10.11
C ASP B 22 -12.66 -16.46 -8.68
N ARG B 23 -12.14 -17.68 -8.50
CA ARG B 23 -12.04 -18.26 -7.18
C ARG B 23 -11.06 -17.52 -6.29
N ALA B 24 -9.89 -17.15 -6.81
CA ALA B 24 -8.98 -16.42 -5.98
C ALA B 24 -9.60 -15.11 -5.57
N GLY B 25 -10.37 -14.47 -6.46
CA GLY B 25 -11.04 -13.23 -6.15
C GLY B 25 -12.09 -13.31 -5.04
N GLN B 26 -12.81 -14.42 -5.02
CA GLN B 26 -13.76 -14.72 -3.96
C GLN B 26 -13.03 -14.93 -2.66
N ILE B 27 -11.95 -15.70 -2.68
CA ILE B 27 -11.24 -16.01 -1.43
C ILE B 27 -10.60 -14.76 -0.87
N ALA B 28 -10.05 -13.95 -1.74
CA ALA B 28 -9.49 -12.69 -1.28
C ALA B 28 -10.58 -11.80 -0.67
N ALA B 29 -11.72 -11.64 -1.34
CA ALA B 29 -12.71 -10.74 -0.83
C ALA B 29 -13.13 -11.22 0.56
N ALA B 30 -13.26 -12.54 0.74
CA ALA B 30 -13.73 -13.11 2.04
C ALA B 30 -12.72 -12.96 3.16
N SER B 31 -11.44 -13.09 2.83
CA SER B 31 -10.36 -12.92 3.78
C SER B 31 -10.02 -11.44 3.95
N ASN B 32 -10.62 -10.56 3.16
CA ASN B 32 -10.18 -9.21 3.07
C ASN B 32 -8.69 -9.11 2.68
N ALA B 33 -8.25 -9.88 1.67
CA ALA B 33 -6.84 -9.89 1.28
C ALA B 33 -6.50 -9.10 0.04
N LYS B 34 -5.24 -8.74 -0.06
CA LYS B 34 -4.69 -8.27 -1.30
C LYS B 34 -4.67 -9.47 -2.29
N LEU B 35 -5.23 -9.27 -3.47
CA LEU B 35 -5.03 -10.17 -4.57
C LEU B 35 -3.98 -9.67 -5.62
N ILE B 36 -3.04 -10.57 -5.94
CA ILE B 36 -2.01 -10.30 -6.95
C ILE B 36 -2.28 -11.25 -8.12
N ILE B 37 -2.63 -10.68 -9.27
CA ILE B 37 -2.82 -11.50 -10.45
C ILE B 37 -1.50 -11.46 -11.23
N ALA B 38 -0.94 -12.64 -11.49
CA ALA B 38 0.32 -12.76 -12.21
C ALA B 38 0.18 -13.50 -13.54
N THR B 39 0.85 -13.00 -14.57
CA THR B 39 0.90 -13.66 -15.84
C THR B 39 2.37 -13.74 -16.25
N ALA B 40 2.83 -14.97 -16.40
CA ALA B 40 4.23 -15.19 -16.79
C ALA B 40 4.29 -15.23 -18.28
N TYR B 41 5.32 -14.67 -18.87
CA TYR B 41 5.49 -14.76 -20.31
C TYR B 41 7.01 -14.59 -20.70
N PHE B 42 7.41 -15.20 -21.82
CA PHE B 42 8.74 -14.97 -22.49
C PHE B 42 8.51 -13.94 -23.63
N PRO B 43 8.98 -12.69 -23.53
CA PRO B 43 8.57 -11.64 -24.52
C PRO B 43 8.97 -11.93 -25.98
N GLY B 63 3.71 -6.47 -29.60
CA GLY B 63 4.77 -7.16 -28.88
C GLY B 63 4.24 -7.85 -27.62
N ASN B 64 4.04 -7.06 -26.56
CA ASN B 64 3.55 -7.58 -25.25
C ASN B 64 2.17 -6.99 -24.83
N ALA B 65 1.47 -6.41 -25.80
CA ALA B 65 0.08 -5.95 -25.67
C ALA B 65 -0.89 -7.05 -25.11
N PRO B 66 -0.83 -8.31 -25.63
CA PRO B 66 -1.76 -9.31 -25.06
C PRO B 66 -1.55 -9.62 -23.58
N ILE B 67 -0.35 -9.44 -23.04
CA ILE B 67 -0.18 -9.75 -21.61
C ILE B 67 -1.00 -8.78 -20.80
N TYR B 68 -1.04 -7.53 -21.20
CA TYR B 68 -1.87 -6.57 -20.44
C TYR B 68 -3.36 -6.77 -20.73
N ALA B 69 -3.71 -7.26 -21.90
CA ALA B 69 -5.14 -7.61 -22.13
C ALA B 69 -5.60 -8.73 -21.15
N ILE B 70 -4.77 -9.76 -21.01
CA ILE B 70 -4.97 -10.82 -20.02
C ILE B 70 -5.07 -10.26 -18.61
N LEU B 71 -4.18 -9.35 -18.24
CA LEU B 71 -4.25 -8.84 -16.88
C LEU B 71 -5.52 -8.01 -16.65
N ARG B 72 -5.92 -7.13 -17.57
CA ARG B 72 -7.17 -6.37 -17.33
C ARG B 72 -8.42 -7.25 -17.28
N GLU B 73 -8.54 -8.23 -18.17
CA GLU B 73 -9.68 -9.12 -18.06
C GLU B 73 -9.63 -9.88 -16.73
N ALA B 74 -8.46 -10.39 -16.34
CA ALA B 74 -8.41 -11.08 -15.06
C ALA B 74 -8.83 -10.18 -13.92
N ASN B 75 -8.41 -8.92 -14.01
CA ASN B 75 -8.81 -7.90 -13.04
C ASN B 75 -10.34 -7.71 -12.95
N ASP B 76 -10.97 -7.52 -14.11
CA ASP B 76 -12.41 -7.43 -14.19
C ASP B 76 -13.07 -8.67 -13.58
N ARG B 77 -12.53 -9.87 -13.82
CA ARG B 77 -13.16 -11.08 -13.30
C ARG B 77 -13.03 -11.09 -11.79
N ALA B 78 -11.83 -10.78 -11.29
CA ALA B 78 -11.61 -10.76 -9.84
C ALA B 78 -12.44 -9.69 -9.12
N LYS B 79 -12.59 -8.55 -9.75
CA LYS B 79 -13.38 -7.47 -9.15
C LYS B 79 -14.88 -7.86 -9.13
N ALA B 80 -15.34 -8.53 -10.17
CA ALA B 80 -16.71 -9.01 -10.19
C ALA B 80 -16.96 -10.06 -9.08
N ALA B 81 -15.94 -10.77 -8.62
CA ALA B 81 -16.09 -11.77 -7.61
C ALA B 81 -15.98 -11.24 -6.25
N GLY B 82 -15.77 -9.93 -6.13
CA GLY B 82 -15.68 -9.31 -4.84
C GLY B 82 -14.37 -8.69 -4.42
N ALA B 83 -13.26 -9.11 -4.98
CA ALA B 83 -11.99 -8.53 -4.54
C ALA B 83 -11.94 -7.01 -4.83
N THR B 84 -11.36 -6.25 -3.91
CA THR B 84 -11.24 -4.81 -4.04
C THR B 84 -9.80 -4.32 -3.96
N ASP B 85 -8.88 -5.14 -3.46
CA ASP B 85 -7.49 -4.77 -3.47
C ASP B 85 -6.66 -5.68 -4.43
N ILE B 86 -6.57 -5.26 -5.70
CA ILE B 86 -6.01 -6.09 -6.79
C ILE B 86 -4.81 -5.43 -7.45
N GLU B 87 -3.76 -6.22 -7.65
CA GLU B 87 -2.51 -5.73 -8.19
C GLU B 87 -2.27 -6.61 -9.40
N GLU B 88 -1.83 -6.05 -10.54
CA GLU B 88 -1.49 -6.90 -11.71
C GLU B 88 0.06 -6.99 -11.84
N ARG B 89 0.62 -8.20 -12.04
CA ARG B 89 2.07 -8.36 -12.20
C ARG B 89 2.44 -9.13 -13.49
N PRO B 90 2.82 -8.43 -14.57
CA PRO B 90 3.38 -9.11 -15.73
C PRO B 90 4.74 -9.59 -15.35
N VAL B 91 5.02 -10.88 -15.42
CA VAL B 91 6.30 -11.41 -14.99
C VAL B 91 7.03 -12.07 -16.15
N VAL B 92 8.30 -11.73 -16.32
CA VAL B 92 9.13 -12.31 -17.40
C VAL B 92 9.71 -13.61 -16.90
N GLY B 93 9.52 -14.68 -17.68
CA GLY B 93 9.98 -16.00 -17.27
C GLY B 93 8.90 -17.11 -17.40
N ALA B 94 9.24 -18.29 -16.88
CA ALA B 94 8.43 -19.47 -17.12
C ALA B 94 7.38 -19.46 -16.01
N PRO B 95 6.24 -20.15 -16.25
CA PRO B 95 5.20 -20.00 -15.31
C PRO B 95 5.55 -20.48 -13.91
N VAL B 96 6.16 -21.67 -13.79
CA VAL B 96 6.37 -22.22 -12.44
C VAL B 96 7.28 -21.32 -11.56
N ASP B 97 8.42 -21.01 -12.16
CA ASP B 97 9.41 -20.10 -11.59
C ASP B 97 8.73 -18.78 -11.26
N ALA B 98 8.00 -18.20 -12.20
CA ALA B 98 7.47 -16.87 -11.93
C ALA B 98 6.50 -16.88 -10.74
N LEU B 99 5.64 -17.91 -10.65
CA LEU B 99 4.61 -17.95 -9.59
C LEU B 99 5.23 -18.25 -8.22
N VAL B 100 6.13 -19.23 -8.16
CA VAL B 100 6.79 -19.55 -6.88
C VAL B 100 7.68 -18.46 -6.39
N GLU B 101 8.44 -17.89 -7.29
CA GLU B 101 9.27 -16.78 -6.85
C GLU B 101 8.47 -15.57 -6.40
N LEU B 102 7.39 -15.27 -7.10
CA LEU B 102 6.60 -14.11 -6.77
C LEU B 102 6.02 -14.29 -5.39
N ALA B 103 5.62 -15.50 -5.11
CA ALA B 103 5.00 -15.82 -3.86
C ALA B 103 5.95 -15.69 -2.66
N ASP B 104 7.19 -16.18 -2.81
CA ASP B 104 8.24 -15.89 -1.86
C ASP B 104 8.49 -14.39 -1.65
N GLU B 105 8.55 -13.65 -2.76
CA GLU B 105 8.88 -12.21 -2.75
C GLU B 105 7.81 -11.45 -1.99
N VAL B 106 6.52 -11.75 -2.19
CA VAL B 106 5.47 -10.96 -1.54
C VAL B 106 4.95 -11.60 -0.27
N LYS B 107 5.62 -12.67 0.16
CA LYS B 107 5.24 -13.37 1.38
C LYS B 107 3.79 -13.82 1.29
N ALA B 108 3.45 -14.47 0.18
CA ALA B 108 2.05 -14.83 -0.06
C ALA B 108 1.58 -15.89 0.92
N ASP B 109 0.33 -15.82 1.35
CA ASP B 109 -0.23 -16.79 2.26
C ASP B 109 -0.85 -17.88 1.43
N LEU B 110 -1.20 -17.55 0.19
CA LEU B 110 -1.79 -18.56 -0.68
C LEU B 110 -1.49 -18.27 -2.16
N LEU B 111 -1.24 -19.34 -2.87
CA LEU B 111 -1.02 -19.30 -4.29
C LEU B 111 -2.10 -20.14 -5.00
N VAL B 112 -2.77 -19.57 -5.98
CA VAL B 112 -3.86 -20.22 -6.64
C VAL B 112 -3.53 -20.48 -8.12
N VAL B 113 -3.78 -21.72 -8.54
CA VAL B 113 -3.68 -22.15 -9.91
C VAL B 113 -4.88 -23.03 -10.29
N GLY B 114 -5.22 -23.09 -11.57
CA GLY B 114 -6.09 -24.15 -12.10
C GLY B 114 -5.35 -25.45 -12.24
N ASN B 115 -6.05 -26.45 -12.80
CA ASN B 115 -5.60 -27.82 -12.76
C ASN B 115 -5.27 -28.39 -14.10
N VAL B 116 -5.26 -27.56 -15.12
CA VAL B 116 -5.05 -28.05 -16.49
C VAL B 116 -3.70 -28.68 -16.48
N GLY B 117 -3.63 -29.91 -16.95
CA GLY B 117 -2.36 -30.60 -17.10
C GLY B 117 -2.07 -31.65 -16.03
N LEU B 118 -2.84 -31.63 -14.93
CA LEU B 118 -2.56 -32.53 -13.85
C LEU B 118 -2.87 -33.96 -14.15
N SER B 119 -3.76 -34.24 -15.08
CA SER B 119 -4.14 -35.60 -15.20
C SER B 119 -3.46 -36.36 -16.38
N THR B 120 -2.80 -35.69 -17.33
CA THR B 120 -2.21 -36.41 -18.45
C THR B 120 -0.97 -37.17 -17.99
N ILE B 121 -0.67 -38.27 -18.68
CA ILE B 121 0.50 -39.05 -18.31
C ILE B 121 1.76 -38.23 -18.59
N ALA B 122 1.73 -37.45 -19.64
CA ALA B 122 2.88 -36.73 -20.04
C ALA B 122 3.12 -35.59 -19.08
N GLY B 123 2.07 -35.00 -18.59
CA GLY B 123 2.18 -33.94 -17.56
C GLY B 123 2.65 -34.48 -16.23
N ARG B 124 2.11 -35.60 -15.82
CA ARG B 124 2.61 -36.25 -14.64
C ARG B 124 4.07 -36.63 -14.68
N LEU B 125 4.59 -37.05 -15.85
CA LEU B 125 5.98 -37.44 -15.96
C LEU B 125 6.93 -36.28 -16.31
N LEU B 126 6.52 -35.36 -17.16
CA LEU B 126 7.40 -34.32 -17.66
C LEU B 126 7.19 -33.02 -16.86
N GLY B 127 6.01 -32.85 -16.27
CA GLY B 127 5.67 -31.66 -15.61
C GLY B 127 4.46 -30.90 -16.05
N SER B 128 3.79 -30.26 -15.11
CA SER B 128 2.75 -29.32 -15.43
C SER B 128 2.85 -28.18 -14.47
N VAL B 129 2.31 -27.03 -14.84
CA VAL B 129 2.31 -25.89 -13.94
C VAL B 129 1.65 -26.14 -12.59
N PRO B 130 0.44 -26.71 -12.53
CA PRO B 130 -0.06 -26.93 -11.17
C PRO B 130 0.74 -27.93 -10.34
N ALA B 131 1.13 -29.07 -10.89
CA ALA B 131 1.86 -30.05 -10.13
C ALA B 131 3.21 -29.49 -9.66
N ASN B 132 3.91 -28.75 -10.54
CA ASN B 132 5.26 -28.32 -10.19
C ASN B 132 5.15 -27.18 -9.19
N VAL B 133 4.16 -26.33 -9.36
CA VAL B 133 3.89 -25.31 -8.35
C VAL B 133 3.60 -25.92 -6.97
N ALA B 134 2.77 -26.96 -6.96
CA ALA B 134 2.42 -27.63 -5.70
C ALA B 134 3.68 -28.21 -5.13
N ARG B 135 4.56 -28.82 -5.96
CA ARG B 135 5.69 -29.42 -5.32
C ARG B 135 6.68 -28.40 -4.81
N ARG B 136 6.74 -27.24 -5.44
CA ARG B 136 7.82 -26.28 -5.16
C ARG B 136 7.43 -25.18 -4.16
N SER B 137 6.16 -24.96 -3.99
CA SER B 137 5.68 -23.88 -3.14
C SER B 137 6.07 -24.05 -1.68
N LYS B 138 6.31 -22.97 -0.99
CA LYS B 138 6.51 -22.98 0.44
C LYS B 138 5.30 -22.35 1.09
N THR B 139 4.21 -22.13 0.37
CA THR B 139 2.98 -21.69 0.95
C THR B 139 1.79 -22.66 0.63
N ASP B 140 0.63 -22.32 1.12
CA ASP B 140 -0.61 -23.06 0.81
C ASP B 140 -0.85 -22.91 -0.66
N VAL B 141 -1.32 -23.96 -1.28
CA VAL B 141 -1.67 -23.91 -2.69
C VAL B 141 -3.10 -24.37 -2.92
N LEU B 142 -3.89 -23.55 -3.60
CA LEU B 142 -5.22 -23.94 -3.98
C LEU B 142 -5.15 -24.33 -5.48
N ILE B 143 -5.59 -25.54 -5.74
CA ILE B 143 -5.77 -26.02 -7.07
C ILE B 143 -7.20 -26.00 -7.38
N VAL B 144 -7.62 -25.04 -8.20
CA VAL B 144 -9.02 -24.86 -8.58
C VAL B 144 -9.37 -25.86 -9.65
N HIS B 145 -10.51 -26.57 -9.52
CA HIS B 145 -10.88 -27.58 -10.53
C HIS B 145 -11.46 -26.86 -11.75
N THR B 146 -10.64 -26.57 -12.75
CA THR B 146 -11.07 -25.72 -13.84
C THR B 146 -11.22 -26.53 -15.11
N SER B 147 -10.78 -27.77 -15.05
CA SER B 147 -10.92 -28.68 -16.23
C SER B 147 -11.00 -30.15 -15.80
N SER C 2 31.03 4.97 -16.28
CA SER C 2 30.39 5.60 -17.48
C SER C 2 29.26 6.57 -17.07
N ALA C 3 28.65 6.34 -15.92
CA ALA C 3 27.45 7.07 -15.54
C ALA C 3 27.81 8.46 -15.04
N TYR C 4 28.47 8.48 -13.89
CA TYR C 4 28.76 9.70 -13.21
C TYR C 4 30.28 9.82 -13.14
N GLN C 5 30.83 10.95 -13.60
CA GLN C 5 32.30 11.18 -13.59
C GLN C 5 32.74 12.12 -12.45
N THR C 6 31.83 13.01 -12.02
CA THR C 6 32.09 14.02 -11.01
C THR C 6 30.87 14.19 -10.06
N VAL C 7 31.04 13.79 -8.81
CA VAL C 7 30.00 13.83 -7.78
C VAL C 7 30.43 14.82 -6.71
N VAL C 8 29.53 15.77 -6.43
CA VAL C 8 29.65 16.78 -5.36
C VAL C 8 28.69 16.38 -4.21
N VAL C 9 29.19 16.35 -2.99
CA VAL C 9 28.35 16.16 -1.84
C VAL C 9 28.60 17.36 -0.91
N GLY C 10 27.53 17.84 -0.28
CA GLY C 10 27.54 18.97 0.68
C GLY C 10 27.59 18.45 2.09
N THR C 11 28.48 18.99 2.92
CA THR C 11 28.48 18.65 4.33
C THR C 11 28.64 19.90 5.15
N ASP C 12 27.85 20.02 6.23
CA ASP C 12 28.03 21.13 7.20
C ASP C 12 28.62 20.60 8.46
N GLY C 13 29.12 19.37 8.46
CA GLY C 13 29.66 18.80 9.68
C GLY C 13 28.64 18.08 10.54
N SER C 14 27.38 18.08 10.11
CA SER C 14 26.33 17.36 10.83
C SER C 14 26.54 15.86 10.60
N ASP C 15 26.14 15.05 11.57
CA ASP C 15 26.14 13.61 11.41
C ASP C 15 25.17 13.21 10.33
N SER C 16 24.03 13.92 10.22
CA SER C 16 23.13 13.68 9.10
C SER C 16 23.92 13.92 7.82
N SER C 17 24.60 15.07 7.71
CA SER C 17 25.30 15.35 6.47
C SER C 17 26.36 14.26 6.16
N LEU C 18 26.97 13.72 7.20
CA LEU C 18 28.00 12.70 7.04
C LEU C 18 27.43 11.39 6.49
N ARG C 19 26.17 11.10 6.78
CA ARG C 19 25.55 9.96 6.15
C ARG C 19 25.34 10.25 4.69
N ALA C 20 25.20 11.50 4.31
CA ALA C 20 25.07 11.82 2.89
C ALA C 20 26.39 11.60 2.19
N VAL C 21 27.46 12.05 2.85
CA VAL C 21 28.82 11.77 2.39
C VAL C 21 29.05 10.28 2.21
N ASP C 22 28.64 9.47 3.21
CA ASP C 22 28.76 8.00 3.14
C ASP C 22 28.24 7.48 1.83
N ARG C 23 27.00 7.86 1.52
CA ARG C 23 26.33 7.37 0.33
C ARG C 23 26.94 7.95 -0.95
N ALA C 24 27.26 9.25 -0.94
CA ALA C 24 28.00 9.91 -2.01
C ALA C 24 29.30 9.14 -2.33
N GLY C 25 30.01 8.78 -1.28
CA GLY C 25 31.25 8.06 -1.42
C GLY C 25 31.06 6.68 -1.99
N GLN C 26 29.99 6.02 -1.60
CA GLN C 26 29.71 4.73 -2.17
C GLN C 26 29.36 4.83 -3.67
N ILE C 27 28.60 5.86 -4.06
CA ILE C 27 28.21 6.04 -5.47
C ILE C 27 29.40 6.39 -6.35
N ALA C 28 30.26 7.25 -5.81
CA ALA C 28 31.53 7.57 -6.42
C ALA C 28 32.38 6.30 -6.63
N ALA C 29 32.41 5.40 -5.64
CA ALA C 29 33.21 4.17 -5.80
C ALA C 29 32.75 3.33 -6.98
N ALA C 30 31.45 3.09 -7.05
CA ALA C 30 30.87 2.25 -8.10
C ALA C 30 30.96 2.88 -9.47
N SER C 31 30.81 4.20 -9.57
CA SER C 31 30.89 4.87 -10.86
C SER C 31 32.31 5.20 -11.23
N ASN C 32 33.26 4.83 -10.37
CA ASN C 32 34.64 5.28 -10.52
C ASN C 32 34.71 6.76 -10.90
N ALA C 33 34.23 7.65 -10.02
CA ALA C 33 34.27 9.08 -10.27
C ALA C 33 35.01 9.87 -9.20
N LYS C 34 35.36 11.09 -9.56
CA LYS C 34 35.89 12.04 -8.61
C LYS C 34 34.76 12.47 -7.68
N LEU C 35 35.03 12.40 -6.38
CA LEU C 35 34.15 12.91 -5.35
C LEU C 35 34.74 14.24 -4.84
N ILE C 36 33.96 15.30 -4.94
CA ILE C 36 34.33 16.59 -4.38
C ILE C 36 33.42 16.85 -3.16
N ILE C 37 33.98 16.92 -1.96
CA ILE C 37 33.19 17.20 -0.75
C ILE C 37 33.16 18.69 -0.53
N ALA C 38 31.99 19.28 -0.41
CA ALA C 38 31.89 20.72 -0.35
C ALA C 38 31.25 21.25 0.94
N THR C 39 31.83 22.33 1.44
CA THR C 39 31.33 23.00 2.61
C THR C 39 31.16 24.47 2.28
N ALA C 40 29.91 24.93 2.30
CA ALA C 40 29.52 26.31 2.07
C ALA C 40 29.72 27.12 3.34
N TYR C 41 30.30 28.30 3.18
CA TYR C 41 30.54 29.21 4.29
C TYR C 41 30.34 30.64 3.81
N PHE C 42 30.14 31.52 4.78
CA PHE C 42 29.99 32.95 4.50
C PHE C 42 31.27 33.74 4.53
N PRO C 43 31.45 34.62 3.54
CA PRO C 43 32.63 35.45 3.43
C PRO C 43 32.66 36.50 4.57
N GLN C 44 33.85 36.97 4.91
CA GLN C 44 33.98 37.99 5.94
C GLN C 44 34.89 39.09 5.48
N SER C 45 34.85 39.37 4.18
CA SER C 45 35.41 40.61 3.61
C SER C 45 36.94 40.82 3.57
N GLU C 46 37.72 39.74 3.63
CA GLU C 46 39.10 39.77 3.08
C GLU C 46 40.16 40.70 3.74
N ASP C 47 39.79 41.56 4.70
CA ASP C 47 40.80 42.10 5.65
C ASP C 47 41.31 40.96 6.51
N SER C 48 40.44 39.97 6.68
CA SER C 48 40.74 38.76 7.42
C SER C 48 41.39 37.67 6.51
N ARG C 49 42.21 36.85 7.13
CA ARG C 49 42.79 35.70 6.49
C ARG C 49 41.75 34.62 6.20
N ALA C 50 41.88 33.95 5.05
CA ALA C 50 40.98 32.86 4.69
C ALA C 50 41.00 31.74 5.76
N ALA C 51 42.18 31.30 6.18
CA ALA C 51 42.30 30.29 7.22
C ALA C 51 41.45 30.64 8.43
N ASP C 52 41.60 31.87 8.94
CA ASP C 52 40.88 32.30 10.14
C ASP C 52 39.36 32.35 9.92
N VAL C 53 38.93 32.87 8.76
CA VAL C 53 37.53 32.86 8.42
C VAL C 53 37.00 31.42 8.42
N LEU C 54 37.71 30.50 7.78
CA LEU C 54 37.33 29.08 7.76
C LEU C 54 37.23 28.41 9.13
N LYS C 55 38.15 28.79 10.01
CA LYS C 55 38.10 28.33 11.38
C LYS C 55 36.81 28.85 12.00
N ASP C 56 36.63 30.18 12.01
CA ASP C 56 35.43 30.84 12.56
C ASP C 56 34.09 30.29 11.98
N GLU C 57 34.02 30.15 10.66
CA GLU C 57 32.79 29.72 10.02
C GLU C 57 32.39 28.33 10.48
N GLY C 58 33.37 27.46 10.77
CA GLY C 58 33.08 26.06 11.14
C GLY C 58 32.39 25.91 12.49
N TYR C 59 32.77 26.79 13.42
CA TYR C 59 32.16 26.83 14.75
C TYR C 59 30.77 27.43 14.72
N LYS C 60 30.34 28.02 13.62
CA LYS C 60 28.97 28.50 13.43
C LYS C 60 28.10 27.55 12.61
N MET C 61 28.58 26.33 12.48
CA MET C 61 27.94 25.34 11.69
C MET C 61 27.68 24.13 12.56
N ALA C 62 26.80 23.29 12.09
CA ALA C 62 26.58 22.00 12.73
C ALA C 62 27.83 21.32 13.24
N GLY C 63 28.89 21.33 12.46
CA GLY C 63 30.10 20.59 12.81
C GLY C 63 30.79 21.14 14.03
N ASN C 64 30.56 22.41 14.33
CA ASN C 64 31.15 23.04 15.49
C ASN C 64 32.66 22.84 15.65
N ALA C 65 33.35 23.00 14.54
CA ALA C 65 34.77 22.71 14.41
C ALA C 65 35.27 23.46 13.16
N PRO C 66 36.60 23.70 13.08
CA PRO C 66 37.08 24.41 11.89
C PRO C 66 36.64 23.68 10.62
N ILE C 67 36.44 24.43 9.54
CA ILE C 67 35.97 23.83 8.30
C ILE C 67 36.91 22.71 7.80
N TYR C 68 38.23 22.85 7.95
CA TYR C 68 39.16 21.71 7.66
C TYR C 68 39.07 20.52 8.60
N ALA C 69 38.83 20.73 9.88
CA ALA C 69 38.50 19.60 10.71
C ALA C 69 37.30 18.86 10.08
N ILE C 70 36.23 19.60 9.81
CA ILE C 70 35.01 19.04 9.17
C ILE C 70 35.26 18.28 7.86
N LEU C 71 36.09 18.83 6.99
CA LEU C 71 36.26 18.21 5.69
C LEU C 71 37.11 16.98 5.85
N ARG C 72 38.10 17.01 6.75
CA ARG C 72 38.95 15.84 6.98
C ARG C 72 38.08 14.67 7.45
N GLU C 73 37.16 14.95 8.37
CA GLU C 73 36.24 13.93 8.90
C GLU C 73 35.33 13.34 7.81
N ALA C 74 34.85 14.21 6.91
CA ALA C 74 34.06 13.84 5.73
C ALA C 74 34.87 13.01 4.72
N ASN C 75 36.14 13.38 4.58
CA ASN C 75 37.05 12.66 3.73
C ASN C 75 37.26 11.23 4.27
N ASP C 76 37.49 11.06 5.58
CA ASP C 76 37.66 9.71 6.16
C ASP C 76 36.47 8.84 5.82
N ARG C 77 35.27 9.41 5.96
CA ARG C 77 34.05 8.62 5.79
C ARG C 77 33.81 8.23 4.35
N ALA C 78 34.12 9.14 3.42
CA ALA C 78 34.03 8.83 1.99
C ALA C 78 34.98 7.69 1.64
N LYS C 79 36.19 7.74 2.20
CA LYS C 79 37.21 6.71 1.99
C LYS C 79 36.74 5.38 2.56
N ALA C 80 36.11 5.41 3.72
CA ALA C 80 35.57 4.20 4.33
C ALA C 80 34.44 3.54 3.52
N ALA C 81 33.64 4.37 2.85
CA ALA C 81 32.53 3.91 2.01
C ALA C 81 32.98 3.44 0.61
N GLY C 82 34.27 3.65 0.28
CA GLY C 82 34.93 3.10 -0.92
C GLY C 82 35.59 4.07 -1.90
N ALA C 83 35.47 5.36 -1.65
CA ALA C 83 35.95 6.37 -2.58
C ALA C 83 37.45 6.56 -2.43
N THR C 84 38.12 6.76 -3.55
CA THR C 84 39.57 6.81 -3.62
C THR C 84 40.12 8.05 -4.30
N ASP C 85 39.26 8.80 -4.97
CA ASP C 85 39.62 10.08 -5.56
C ASP C 85 38.69 11.17 -4.93
N ILE C 86 39.18 11.77 -3.85
CA ILE C 86 38.43 12.69 -3.00
C ILE C 86 39.08 14.07 -3.02
N GLU C 87 38.29 15.14 -3.18
CA GLU C 87 38.80 16.53 -3.02
C GLU C 87 37.99 17.23 -1.97
N GLU C 88 38.64 18.16 -1.24
CA GLU C 88 37.98 18.91 -0.18
C GLU C 88 37.87 20.34 -0.66
N ARG C 89 36.66 20.91 -0.64
CA ARG C 89 36.48 22.26 -1.15
C ARG C 89 35.55 23.12 -0.32
N PRO C 90 36.11 23.95 0.57
CA PRO C 90 35.31 25.04 1.12
C PRO C 90 34.88 25.96 -0.04
N VAL C 91 33.63 26.47 0.03
CA VAL C 91 33.05 27.29 -1.05
CA VAL C 91 33.05 27.28 -1.04
C VAL C 91 32.33 28.50 -0.47
N VAL C 92 32.52 29.66 -1.09
CA VAL C 92 31.93 30.88 -0.59
C VAL C 92 30.46 30.93 -0.93
N GLY C 93 29.66 31.32 0.08
CA GLY C 93 28.28 31.58 -0.13
C GLY C 93 27.37 30.84 0.84
N ALA C 94 26.09 31.14 0.74
CA ALA C 94 25.08 30.35 1.47
C ALA C 94 24.95 29.00 0.75
N PRO C 95 24.57 27.95 1.47
CA PRO C 95 24.69 26.62 0.98
C PRO C 95 24.09 26.34 -0.36
N VAL C 96 22.88 26.80 -0.63
CA VAL C 96 22.20 26.46 -1.89
C VAL C 96 22.95 27.14 -3.04
N ASP C 97 23.24 28.42 -2.88
CA ASP C 97 24.03 29.17 -3.86
C ASP C 97 25.34 28.48 -4.17
N ALA C 98 26.08 28.14 -3.11
CA ALA C 98 27.43 27.64 -3.25
C ALA C 98 27.42 26.26 -3.82
N LEU C 99 26.52 25.39 -3.36
CA LEU C 99 26.47 24.05 -3.92
C LEU C 99 26.09 24.03 -5.41
N VAL C 100 25.07 24.78 -5.78
CA VAL C 100 24.65 24.90 -7.17
C VAL C 100 25.74 25.52 -8.08
N GLU C 101 26.38 26.62 -7.62
CA GLU C 101 27.51 27.26 -8.33
C GLU C 101 28.68 26.29 -8.48
N LEU C 102 29.06 25.59 -7.41
CA LEU C 102 30.13 24.62 -7.49
C LEU C 102 29.83 23.56 -8.54
N ALA C 103 28.65 22.97 -8.47
CA ALA C 103 28.25 21.99 -9.46
C ALA C 103 28.31 22.50 -10.93
N ASP C 104 27.90 23.74 -11.23
CA ASP C 104 28.14 24.30 -12.59
C ASP C 104 29.63 24.37 -12.93
N GLU C 105 30.42 24.80 -11.97
CA GLU C 105 31.84 25.13 -12.21
C GLU C 105 32.62 23.88 -12.57
N VAL C 106 32.45 22.81 -11.78
CA VAL C 106 33.19 21.58 -11.99
CA VAL C 106 33.19 21.56 -11.99
C VAL C 106 32.48 20.61 -12.97
N LYS C 107 31.36 21.04 -13.53
CA LYS C 107 30.55 20.20 -14.40
C LYS C 107 30.17 18.89 -13.73
N ALA C 108 29.63 19.01 -12.53
CA ALA C 108 29.29 17.82 -11.80
C ALA C 108 28.17 17.11 -12.53
N ASP C 109 28.24 15.79 -12.44
CA ASP C 109 27.17 14.89 -12.91
C ASP C 109 26.05 14.56 -11.86
N LEU C 110 26.38 14.67 -10.58
CA LEU C 110 25.47 14.36 -9.44
C LEU C 110 25.82 15.31 -8.30
N LEU C 111 24.80 15.90 -7.70
CA LEU C 111 24.90 16.75 -6.54
C LEU C 111 24.16 16.03 -5.41
N VAL C 112 24.83 15.79 -4.31
CA VAL C 112 24.33 14.93 -3.26
C VAL C 112 24.19 15.77 -1.98
N VAL C 113 22.94 15.79 -1.47
CA VAL C 113 22.59 16.47 -0.23
CA VAL C 113 22.64 16.42 -0.17
C VAL C 113 21.79 15.52 0.69
N GLY C 114 21.84 15.77 1.99
CA GLY C 114 20.97 15.13 2.98
C GLY C 114 19.56 15.71 2.96
N ASN C 115 18.66 15.19 3.78
CA ASN C 115 17.27 15.58 3.66
C ASN C 115 16.76 16.43 4.84
N VAL C 116 17.68 17.01 5.64
CA VAL C 116 17.23 17.77 6.80
C VAL C 116 16.42 18.98 6.36
N GLY C 117 15.21 19.09 6.91
CA GLY C 117 14.37 20.26 6.69
C GLY C 117 13.37 20.09 5.59
N LEU C 118 13.41 18.99 4.84
CA LEU C 118 12.53 18.80 3.68
C LEU C 118 11.09 18.69 3.99
N SER C 119 10.81 17.99 5.08
CA SER C 119 9.48 17.38 5.32
C SER C 119 8.87 18.00 6.54
N THR C 120 9.26 19.21 6.89
CA THR C 120 8.65 19.84 8.02
C THR C 120 7.77 20.96 7.51
N ILE C 121 6.94 21.56 8.39
CA ILE C 121 6.07 22.66 7.99
C ILE C 121 6.89 23.85 7.63
N ALA C 122 7.80 24.15 8.53
CA ALA C 122 8.74 25.23 8.30
C ALA C 122 9.49 25.02 6.93
N GLY C 123 9.83 23.79 6.58
CA GLY C 123 10.51 23.48 5.32
C GLY C 123 9.61 23.72 4.11
N ARG C 124 8.31 23.49 4.27
CA ARG C 124 7.39 23.79 3.19
C ARG C 124 7.20 25.26 2.98
N LEU C 125 7.00 26.00 4.05
CA LEU C 125 6.74 27.42 3.88
C LEU C 125 8.02 28.18 3.54
N LEU C 126 9.14 27.80 4.15
CA LEU C 126 10.36 28.63 4.15
C LEU C 126 11.44 28.12 3.19
N GLY C 127 11.31 26.86 2.78
CA GLY C 127 12.25 26.21 1.94
C GLY C 127 13.30 25.49 2.76
N SER C 128 14.17 24.80 2.06
CA SER C 128 15.19 24.01 2.67
C SER C 128 16.29 23.84 1.67
N VAL C 129 17.44 23.45 2.15
CA VAL C 129 18.56 23.16 1.32
C VAL C 129 18.30 22.08 0.32
N PRO C 130 17.77 20.90 0.75
CA PRO C 130 17.56 19.88 -0.25
C PRO C 130 16.53 20.25 -1.29
N ALA C 131 15.44 20.85 -0.88
CA ALA C 131 14.43 21.20 -1.85
C ALA C 131 14.92 22.31 -2.72
N ASN C 132 15.63 23.30 -2.17
CA ASN C 132 16.01 24.44 -2.99
C ASN C 132 17.10 23.99 -4.03
N VAL C 133 17.99 23.13 -3.58
CA VAL C 133 19.02 22.54 -4.44
C VAL C 133 18.40 21.68 -5.54
N ALA C 134 17.41 20.85 -5.22
CA ALA C 134 16.77 20.06 -6.26
C ALA C 134 16.14 20.92 -7.36
N ARG C 135 15.59 22.06 -6.99
CA ARG C 135 14.90 22.89 -7.97
C ARG C 135 15.88 23.72 -8.79
N ARG C 136 16.96 24.15 -8.16
CA ARG C 136 17.88 25.13 -8.78
C ARG C 136 19.08 24.48 -9.47
N SER C 137 19.47 23.26 -9.07
CA SER C 137 20.60 22.57 -9.77
C SER C 137 20.30 22.36 -11.24
N LYS C 138 21.34 22.35 -12.00
CA LYS C 138 21.24 21.99 -13.40
C LYS C 138 21.78 20.59 -13.66
N THR C 139 22.11 19.85 -12.62
CA THR C 139 22.51 18.52 -12.65
C THR C 139 21.51 17.65 -11.85
N ASP C 140 21.61 16.33 -12.02
CA ASP C 140 20.93 15.37 -11.16
C ASP C 140 21.17 15.69 -9.70
N VAL C 141 20.13 15.51 -8.88
CA VAL C 141 20.28 15.70 -7.46
C VAL C 141 19.84 14.49 -6.65
N LEU C 142 20.74 13.95 -5.80
CA LEU C 142 20.43 12.81 -4.97
C LEU C 142 20.16 13.38 -3.61
N ILE C 143 18.92 13.21 -3.10
CA ILE C 143 18.57 13.56 -1.71
C ILE C 143 18.64 12.30 -0.86
N VAL C 144 19.60 12.24 0.02
CA VAL C 144 19.88 11.06 0.79
C VAL C 144 19.00 11.09 2.05
N HIS C 145 18.37 9.96 2.36
CA HIS C 145 17.46 9.90 3.49
C HIS C 145 18.28 9.82 4.76
N THR C 146 18.85 10.95 5.16
CA THR C 146 19.76 10.96 6.29
C THR C 146 19.09 11.11 7.65
N SER C 147 17.88 11.69 7.68
CA SER C 147 17.23 11.96 8.95
C SER C 147 15.75 11.67 8.90
N SER D 2 27.88 -1.66 0.86
CA SER D 2 26.53 -1.19 1.34
C SER D 2 25.54 -0.89 0.16
N ALA D 3 25.88 -1.38 -1.03
CA ALA D 3 25.25 -0.94 -2.30
C ALA D 3 23.72 -0.86 -2.31
N TYR D 4 23.19 0.01 -3.17
CA TYR D 4 21.76 -0.01 -3.50
C TYR D 4 21.46 -1.43 -4.08
N GLN D 5 20.39 -2.10 -3.64
CA GLN D 5 20.00 -3.39 -4.24
C GLN D 5 18.73 -3.30 -5.07
N THR D 6 17.84 -2.37 -4.68
CA THR D 6 16.54 -2.23 -5.28
C THR D 6 16.27 -0.78 -5.63
N VAL D 7 16.13 -0.50 -6.92
CA VAL D 7 15.88 0.84 -7.38
C VAL D 7 14.53 0.86 -8.05
N VAL D 8 13.69 1.84 -7.69
CA VAL D 8 12.44 2.08 -8.37
C VAL D 8 12.52 3.37 -9.19
N VAL D 9 12.01 3.36 -10.40
CA VAL D 9 11.89 4.56 -11.25
C VAL D 9 10.50 4.74 -11.83
N GLY D 10 10.01 5.97 -11.77
CA GLY D 10 8.68 6.26 -12.31
C GLY D 10 8.73 6.81 -13.71
N THR D 11 7.84 6.31 -14.58
CA THR D 11 7.72 6.79 -15.92
C THR D 11 6.25 6.95 -16.28
N ASP D 12 5.96 8.02 -17.02
CA ASP D 12 4.61 8.23 -17.60
C ASP D 12 4.74 8.21 -19.11
N GLY D 13 5.85 7.70 -19.63
CA GLY D 13 6.05 7.57 -21.07
C GLY D 13 6.49 8.86 -21.77
N SER D 14 6.67 9.95 -21.04
CA SER D 14 7.18 11.17 -21.69
C SER D 14 8.63 10.95 -22.01
N ASP D 15 9.10 11.63 -23.04
CA ASP D 15 10.55 11.70 -23.32
C ASP D 15 11.36 12.14 -22.12
N SER D 16 10.92 13.13 -21.40
CA SER D 16 11.60 13.53 -20.17
C SER D 16 11.74 12.35 -19.18
N SER D 17 10.68 11.58 -18.97
CA SER D 17 10.73 10.55 -17.93
C SER D 17 11.64 9.39 -18.38
N LEU D 18 11.64 9.13 -19.66
CA LEU D 18 12.59 8.16 -20.23
C LEU D 18 14.09 8.51 -19.98
N ARG D 19 14.42 9.78 -19.89
CA ARG D 19 15.78 10.15 -19.47
C ARG D 19 15.98 9.77 -18.02
N ALA D 20 14.94 9.86 -17.21
CA ALA D 20 15.11 9.37 -15.83
C ALA D 20 15.31 7.88 -15.78
N VAL D 21 14.61 7.17 -16.62
CA VAL D 21 14.75 5.71 -16.72
C VAL D 21 16.16 5.30 -17.16
N ASP D 22 16.66 5.93 -18.23
CA ASP D 22 18.12 5.76 -18.60
C ASP D 22 19.03 5.89 -17.39
N ARG D 23 18.84 6.94 -16.59
CA ARG D 23 19.70 7.18 -15.45
C ARG D 23 19.56 6.16 -14.36
N ALA D 24 18.32 5.83 -14.04
CA ALA D 24 18.06 4.78 -13.06
C ALA D 24 18.63 3.45 -13.55
N GLY D 25 18.58 3.26 -14.87
CA GLY D 25 19.21 2.11 -15.47
C GLY D 25 20.69 2.01 -15.21
N GLN D 26 21.40 3.13 -15.42
CA GLN D 26 22.82 3.13 -15.27
C GLN D 26 23.16 2.86 -13.84
N ILE D 27 22.42 3.47 -12.92
CA ILE D 27 22.68 3.28 -11.52
C ILE D 27 22.37 1.88 -11.06
N ALA D 28 21.29 1.29 -11.53
CA ALA D 28 21.03 -0.11 -11.23
C ALA D 28 22.22 -0.99 -11.68
N ALA D 29 22.64 -0.78 -12.92
CA ALA D 29 23.73 -1.53 -13.48
C ALA D 29 24.97 -1.36 -12.57
N ALA D 30 25.36 -0.13 -12.26
CA ALA D 30 26.57 0.08 -11.41
C ALA D 30 26.46 -0.44 -9.97
N SER D 31 25.23 -0.49 -9.45
CA SER D 31 24.99 -1.00 -8.10
C SER D 31 24.83 -2.54 -8.07
N ASN D 32 24.85 -3.14 -9.25
CA ASN D 32 24.25 -4.43 -9.54
C ASN D 32 22.95 -4.66 -8.74
N ALA D 33 21.94 -3.84 -9.06
CA ALA D 33 20.67 -3.84 -8.34
C ALA D 33 19.48 -4.21 -9.23
N LYS D 34 18.36 -4.57 -8.61
CA LYS D 34 17.15 -4.79 -9.36
C LYS D 34 16.53 -3.42 -9.66
N LEU D 35 16.09 -3.25 -10.90
CA LEU D 35 15.35 -2.08 -11.32
C LEU D 35 13.88 -2.41 -11.50
N ILE D 36 13.05 -1.63 -10.86
CA ILE D 36 11.61 -1.75 -10.96
C ILE D 36 11.12 -0.47 -11.62
N ILE D 37 10.48 -0.59 -12.77
CA ILE D 37 10.00 0.54 -13.53
C ILE D 37 8.48 0.62 -13.35
N ALA D 38 7.98 1.73 -12.82
CA ALA D 38 6.58 1.86 -12.41
C ALA D 38 5.85 3.00 -13.14
N THR D 39 4.66 2.69 -13.61
CA THR D 39 3.80 3.65 -14.23
C THR D 39 2.51 3.61 -13.45
N ALA D 40 2.21 4.76 -12.88
CA ALA D 40 1.03 4.95 -12.13
C ALA D 40 -0.15 5.45 -12.98
N TYR D 41 -1.34 4.88 -12.77
CA TYR D 41 -2.52 5.36 -13.52
C TYR D 41 -3.81 5.04 -12.79
N PHE D 42 -4.92 5.55 -13.32
CA PHE D 42 -6.27 5.19 -12.85
C PHE D 42 -7.01 4.46 -13.96
N PRO D 43 -7.59 3.27 -13.68
CA PRO D 43 -8.33 2.48 -14.72
C PRO D 43 -9.60 3.16 -15.25
N GLN D 44 -9.95 2.90 -16.52
CA GLN D 44 -11.27 3.30 -17.13
C GLN D 44 -11.74 4.71 -16.79
N ALA D 65 -4.20 -0.87 -23.20
CA ALA D 65 -3.57 0.14 -22.38
C ALA D 65 -2.27 0.61 -23.09
N PRO D 66 -2.08 1.95 -23.28
CA PRO D 66 -0.74 2.36 -23.72
C PRO D 66 0.24 2.10 -22.60
N ILE D 67 -0.27 1.81 -21.40
CA ILE D 67 0.56 1.39 -20.28
C ILE D 67 1.56 0.27 -20.64
N TYR D 68 1.11 -0.74 -21.39
CA TYR D 68 2.04 -1.75 -21.89
C TYR D 68 3.11 -1.13 -22.78
N ALA D 69 2.70 -0.18 -23.60
CA ALA D 69 3.63 0.43 -24.53
C ALA D 69 4.65 1.32 -23.77
N ILE D 70 4.16 2.11 -22.83
CA ILE D 70 5.02 2.92 -22.01
C ILE D 70 6.03 2.07 -21.20
N LEU D 71 5.56 0.95 -20.62
CA LEU D 71 6.45 0.17 -19.80
C LEU D 71 7.45 -0.60 -20.64
N ARG D 72 7.02 -1.06 -21.81
CA ARG D 72 7.92 -1.83 -22.67
C ARG D 72 9.05 -0.93 -23.16
N GLU D 73 8.71 0.22 -23.73
CA GLU D 73 9.70 1.19 -24.19
C GLU D 73 10.68 1.58 -23.07
N ALA D 74 10.19 1.71 -21.84
CA ALA D 74 11.08 2.09 -20.71
C ALA D 74 12.00 0.93 -20.34
N ASN D 75 11.45 -0.27 -20.33
CA ASN D 75 12.23 -1.48 -20.22
C ASN D 75 13.45 -1.54 -21.14
N ASP D 76 13.19 -1.24 -22.42
CA ASP D 76 14.25 -1.24 -23.45
C ASP D 76 15.27 -0.14 -23.18
N ARG D 77 14.84 1.02 -22.67
CA ARG D 77 15.82 2.07 -22.36
C ARG D 77 16.72 1.66 -21.21
N ALA D 78 16.13 1.05 -20.20
CA ALA D 78 16.87 0.67 -19.01
C ALA D 78 17.88 -0.37 -19.40
N LYS D 79 17.43 -1.31 -20.21
CA LYS D 79 18.27 -2.41 -20.64
C LYS D 79 19.44 -1.87 -21.47
N ALA D 80 19.14 -0.96 -22.41
CA ALA D 80 20.18 -0.26 -23.20
C ALA D 80 21.17 0.55 -22.33
N ALA D 81 20.77 0.95 -21.13
CA ALA D 81 21.63 1.61 -20.17
C ALA D 81 22.42 0.64 -19.30
N GLY D 82 22.19 -0.66 -19.45
CA GLY D 82 22.99 -1.67 -18.75
C GLY D 82 22.26 -2.42 -17.65
N ALA D 83 21.03 -2.09 -17.40
CA ALA D 83 20.34 -2.80 -16.33
C ALA D 83 20.10 -4.22 -16.76
N THR D 84 20.48 -5.19 -15.94
CA THR D 84 20.32 -6.59 -16.28
C THR D 84 19.12 -7.29 -15.63
N ASP D 85 18.49 -6.67 -14.65
CA ASP D 85 17.40 -7.29 -13.86
C ASP D 85 16.29 -6.24 -13.76
N ILE D 86 15.28 -6.35 -14.61
CA ILE D 86 14.33 -5.31 -14.85
C ILE D 86 12.93 -5.90 -14.71
N GLU D 87 12.07 -5.30 -13.84
CA GLU D 87 10.61 -5.59 -13.76
C GLU D 87 9.73 -4.39 -14.14
N GLU D 88 8.66 -4.67 -14.86
CA GLU D 88 7.61 -3.70 -15.08
C GLU D 88 6.52 -3.74 -14.00
N ARG D 89 6.02 -2.57 -13.55
CA ARG D 89 4.91 -2.51 -12.57
C ARG D 89 3.88 -1.46 -12.93
N PRO D 90 2.78 -1.82 -13.60
CA PRO D 90 1.70 -0.88 -13.71
C PRO D 90 1.09 -0.78 -12.33
N VAL D 91 0.97 0.42 -11.78
CA VAL D 91 0.42 0.57 -10.44
CA VAL D 91 0.46 0.63 -10.41
C VAL D 91 -0.73 1.57 -10.41
N VAL D 92 -1.70 1.30 -9.53
CA VAL D 92 -2.92 2.08 -9.56
C VAL D 92 -2.87 3.16 -8.49
N GLY D 93 -3.21 4.36 -8.92
CA GLY D 93 -3.08 5.52 -8.04
C GLY D 93 -2.54 6.74 -8.72
N ALA D 94 -2.55 7.83 -7.98
CA ALA D 94 -1.87 9.02 -8.43
C ALA D 94 -0.38 8.79 -8.30
N PRO D 95 0.37 9.54 -9.08
CA PRO D 95 1.77 9.15 -9.20
C PRO D 95 2.51 9.25 -7.89
N VAL D 96 2.29 10.30 -7.10
CA VAL D 96 3.11 10.44 -5.91
C VAL D 96 2.79 9.33 -4.94
N ASP D 97 1.49 9.12 -4.69
CA ASP D 97 1.07 8.05 -3.78
C ASP D 97 1.56 6.68 -4.21
N ALA D 98 1.33 6.36 -5.46
CA ALA D 98 1.72 5.02 -5.96
C ALA D 98 3.26 4.75 -5.89
N LEU D 99 4.07 5.74 -6.17
CA LEU D 99 5.53 5.54 -6.15
C LEU D 99 6.06 5.42 -4.73
N VAL D 100 5.53 6.25 -3.82
CA VAL D 100 5.98 6.21 -2.44
C VAL D 100 5.56 4.89 -1.72
N GLU D 101 4.33 4.52 -1.93
CA GLU D 101 3.87 3.21 -1.48
C GLU D 101 4.56 2.03 -2.17
N LEU D 102 4.81 2.08 -3.47
CA LEU D 102 5.55 0.96 -4.08
C LEU D 102 6.95 0.87 -3.46
N ALA D 103 7.55 2.04 -3.23
CA ALA D 103 8.91 2.04 -2.69
C ALA D 103 8.93 1.41 -1.28
N ASP D 104 7.98 1.78 -0.43
CA ASP D 104 7.87 1.16 0.89
C ASP D 104 7.62 -0.33 0.72
N GLU D 105 6.70 -0.69 -0.16
CA GLU D 105 6.27 -2.08 -0.30
C GLU D 105 7.40 -2.96 -0.77
N VAL D 106 8.31 -2.47 -1.61
CA VAL D 106 9.43 -3.31 -2.09
C VAL D 106 10.75 -3.05 -1.36
N LYS D 107 10.72 -2.22 -0.32
CA LYS D 107 11.91 -1.93 0.48
C LYS D 107 13.03 -1.42 -0.45
N ALA D 108 12.66 -0.47 -1.29
CA ALA D 108 13.62 0.18 -2.16
C ALA D 108 14.67 1.06 -1.42
N ASP D 109 15.86 1.02 -1.98
CA ASP D 109 17.00 1.81 -1.49
C ASP D 109 17.11 3.10 -2.28
N LEU D 110 16.49 3.19 -3.45
CA LEU D 110 16.45 4.43 -4.21
C LEU D 110 15.16 4.55 -5.00
N LEU D 111 14.61 5.74 -4.98
CA LEU D 111 13.48 6.08 -5.84
C LEU D 111 13.89 7.21 -6.71
N VAL D 112 13.60 7.07 -7.99
CA VAL D 112 14.05 7.98 -9.01
C VAL D 112 12.91 8.57 -9.79
N VAL D 113 12.94 9.87 -9.96
CA VAL D 113 11.97 10.52 -10.83
C VAL D 113 12.66 11.65 -11.60
N GLY D 114 12.02 12.04 -12.70
CA GLY D 114 12.41 13.19 -13.41
C GLY D 114 12.05 14.45 -12.69
N ASN D 115 12.41 15.58 -13.26
CA ASN D 115 12.11 16.90 -12.61
C ASN D 115 11.06 17.80 -13.22
N VAL D 116 10.25 17.28 -14.10
CA VAL D 116 9.24 18.09 -14.75
C VAL D 116 8.26 18.55 -13.67
N GLY D 117 7.96 19.85 -13.67
CA GLY D 117 7.10 20.38 -12.65
C GLY D 117 7.79 21.18 -11.59
N LEU D 118 9.11 20.96 -11.40
CA LEU D 118 9.80 21.58 -10.27
C LEU D 118 9.87 23.06 -10.39
N SER D 119 9.80 23.59 -11.56
CA SER D 119 10.13 24.97 -11.69
C SER D 119 9.04 25.87 -12.21
N THR D 120 7.83 25.39 -12.49
CA THR D 120 6.70 26.32 -12.86
C THR D 120 6.11 26.85 -11.58
N ILE D 121 5.49 28.02 -11.66
CA ILE D 121 4.92 28.62 -10.46
C ILE D 121 3.73 27.76 -9.95
N ALA D 122 2.96 27.15 -10.86
CA ALA D 122 1.90 26.17 -10.46
C ALA D 122 2.49 24.97 -9.69
N GLY D 123 3.53 24.37 -10.20
CA GLY D 123 4.08 23.24 -9.50
C GLY D 123 4.67 23.62 -8.16
N ARG D 124 5.34 24.79 -8.09
CA ARG D 124 5.97 25.23 -6.87
C ARG D 124 4.90 25.63 -5.82
N LEU D 125 3.85 26.27 -6.28
CA LEU D 125 2.78 26.60 -5.37
C LEU D 125 2.05 25.33 -4.97
N LEU D 126 1.49 24.56 -5.90
CA LEU D 126 0.53 23.51 -5.56
C LEU D 126 1.12 22.15 -5.44
N GLY D 127 2.40 21.96 -5.84
CA GLY D 127 2.98 20.64 -5.74
C GLY D 127 3.36 20.04 -7.10
N SER D 128 4.32 19.16 -7.06
CA SER D 128 4.81 18.47 -8.27
C SER D 128 5.18 17.10 -7.83
N VAL D 129 5.14 16.18 -8.78
CA VAL D 129 5.64 14.83 -8.53
C VAL D 129 7.02 14.79 -7.90
N PRO D 130 8.01 15.48 -8.48
CA PRO D 130 9.34 15.40 -7.90
C PRO D 130 9.42 15.98 -6.52
N ALA D 131 8.87 17.18 -6.30
CA ALA D 131 8.96 17.76 -4.94
C ALA D 131 8.22 16.93 -3.89
N ASN D 132 7.06 16.37 -4.28
CA ASN D 132 6.23 15.60 -3.34
C ASN D 132 6.76 14.25 -3.02
N VAL D 133 7.33 13.60 -4.03
CA VAL D 133 8.08 12.38 -3.79
C VAL D 133 9.24 12.63 -2.87
N ALA D 134 10.09 13.63 -3.17
CA ALA D 134 11.18 13.91 -2.26
C ALA D 134 10.70 14.11 -0.81
N ARG D 135 9.63 14.87 -0.68
CA ARG D 135 9.15 15.21 0.68
C ARG D 135 8.59 14.00 1.42
N ARG D 136 8.04 13.05 0.68
CA ARG D 136 7.31 11.95 1.26
C ARG D 136 8.10 10.69 1.29
N SER D 137 9.06 10.50 0.40
CA SER D 137 9.75 9.23 0.36
C SER D 137 10.40 8.90 1.68
N LYS D 138 10.44 7.64 2.02
CA LYS D 138 11.14 7.17 3.21
C LYS D 138 12.53 6.60 2.83
N THR D 139 12.92 6.75 1.56
CA THR D 139 14.21 6.25 1.09
C THR D 139 14.93 7.34 0.29
N ASP D 140 16.12 7.06 -0.19
CA ASP D 140 16.87 8.06 -0.93
C ASP D 140 16.06 8.32 -2.17
N VAL D 141 16.10 9.54 -2.63
CA VAL D 141 15.41 9.97 -3.82
C VAL D 141 16.38 10.63 -4.78
N LEU D 142 16.40 10.15 -6.02
CA LEU D 142 17.10 10.79 -7.09
C LEU D 142 16.14 11.54 -7.98
N ILE D 143 16.37 12.85 -8.02
CA ILE D 143 15.74 13.69 -8.99
C ILE D 143 16.68 13.91 -10.17
N VAL D 144 16.33 13.29 -11.29
CA VAL D 144 17.13 13.39 -12.45
C VAL D 144 16.78 14.68 -13.17
N HIS D 145 17.78 15.42 -13.66
CA HIS D 145 17.52 16.74 -14.30
C HIS D 145 17.14 16.55 -15.78
N THR D 146 15.86 16.27 -16.06
CA THR D 146 15.43 15.83 -17.39
C THR D 146 14.86 16.97 -18.20
N SER D 147 14.67 18.11 -17.57
CA SER D 147 14.01 19.25 -18.21
C SER D 147 14.45 20.52 -17.50
N SER E 2 -23.91 14.76 22.64
CA SER E 2 -24.52 13.40 22.48
C SER E 2 -24.40 12.81 21.06
N ALA E 3 -24.95 11.60 20.88
CA ALA E 3 -24.89 10.84 19.65
C ALA E 3 -25.43 11.63 18.46
N TYR E 4 -25.06 11.21 17.27
CA TYR E 4 -25.64 11.80 16.09
C TYR E 4 -27.17 11.58 16.10
N GLN E 5 -27.95 12.63 15.89
CA GLN E 5 -29.38 12.50 15.77
C GLN E 5 -29.88 12.49 14.32
N THR E 6 -29.21 13.24 13.44
CA THR E 6 -29.67 13.39 12.07
C THR E 6 -28.48 13.20 11.12
N VAL E 7 -28.52 12.11 10.34
CA VAL E 7 -27.50 11.80 9.35
C VAL E 7 -28.04 11.93 7.92
N VAL E 8 -27.32 12.68 7.09
CA VAL E 8 -27.64 12.84 5.67
C VAL E 8 -26.58 12.10 4.87
N VAL E 9 -27.03 11.31 3.87
CA VAL E 9 -26.15 10.56 2.97
C VAL E 9 -26.56 10.87 1.55
N GLY E 10 -25.56 11.15 0.69
CA GLY E 10 -25.83 11.45 -0.71
C GLY E 10 -25.66 10.24 -1.57
N THR E 11 -26.59 10.09 -2.51
CA THR E 11 -26.45 9.05 -3.52
C THR E 11 -26.92 9.52 -4.87
N ASP E 12 -26.13 9.14 -5.90
CA ASP E 12 -26.44 9.36 -7.31
C ASP E 12 -26.87 8.07 -7.98
N GLY E 13 -27.02 7.02 -7.16
CA GLY E 13 -27.43 5.68 -7.61
C GLY E 13 -26.29 4.86 -8.19
N SER E 14 -25.07 5.37 -8.17
CA SER E 14 -23.91 4.58 -8.56
C SER E 14 -23.79 3.48 -7.54
N ASP E 15 -23.14 2.39 -7.91
CA ASP E 15 -22.85 1.33 -6.95
C ASP E 15 -21.99 1.82 -5.82
N SER E 16 -21.05 2.67 -6.15
CA SER E 16 -20.15 3.18 -5.16
C SER E 16 -20.93 4.01 -4.14
N SER E 17 -21.82 4.87 -4.62
CA SER E 17 -22.57 5.71 -3.67
C SER E 17 -23.39 4.82 -2.75
N LEU E 18 -23.86 3.69 -3.26
CA LEU E 18 -24.70 2.78 -2.40
C LEU E 18 -23.95 2.16 -1.19
N ARG E 19 -22.64 2.00 -1.33
CA ARG E 19 -21.82 1.51 -0.22
C ARG E 19 -21.73 2.58 0.86
N ALA E 20 -21.80 3.84 0.44
CA ALA E 20 -21.84 4.92 1.37
C ALA E 20 -23.20 4.86 2.10
N VAL E 21 -24.27 4.57 1.38
CA VAL E 21 -25.56 4.43 2.02
C VAL E 21 -25.52 3.31 3.08
N ASP E 22 -24.97 2.15 2.71
CA ASP E 22 -24.77 1.01 3.63
C ASP E 22 -24.19 1.50 4.92
N ARG E 23 -23.07 2.19 4.82
CA ARG E 23 -22.41 2.70 6.00
C ARG E 23 -23.27 3.78 6.73
N ALA E 24 -23.88 4.70 6.01
CA ALA E 24 -24.65 5.75 6.66
C ALA E 24 -25.84 5.11 7.39
N GLY E 25 -26.35 4.01 6.83
CA GLY E 25 -27.38 3.24 7.41
C GLY E 25 -26.93 2.56 8.68
N GLN E 26 -25.74 1.96 8.68
CA GLN E 26 -25.31 1.29 9.88
C GLN E 26 -25.15 2.31 11.00
N ILE E 27 -24.65 3.49 10.67
CA ILE E 27 -24.38 4.48 11.72
C ILE E 27 -25.62 5.15 12.28
N ALA E 28 -26.59 5.44 11.41
CA ALA E 28 -27.88 5.94 11.87
C ALA E 28 -28.52 4.93 12.83
N ALA E 29 -28.48 3.66 12.44
CA ALA E 29 -28.96 2.57 13.29
C ALA E 29 -28.23 2.57 14.64
N ALA E 30 -26.90 2.41 14.64
CA ALA E 30 -26.16 2.45 15.91
C ALA E 30 -26.30 3.76 16.74
N SER E 31 -26.56 4.89 16.09
CA SER E 31 -26.79 6.16 16.80
C SER E 31 -28.26 6.39 17.22
N ASN E 32 -29.14 5.49 16.81
CA ASN E 32 -30.59 5.75 16.85
C ASN E 32 -30.94 7.09 16.19
N ALA E 33 -30.33 7.38 15.04
CA ALA E 33 -30.48 8.64 14.38
C ALA E 33 -31.46 8.52 13.24
N LYS E 34 -32.13 9.60 12.87
CA LYS E 34 -32.81 9.65 11.56
C LYS E 34 -31.80 9.72 10.40
N LEU E 35 -32.04 8.92 9.35
CA LEU E 35 -31.29 8.89 8.10
C LEU E 35 -32.10 9.50 6.94
N ILE E 36 -31.56 10.56 6.36
CA ILE E 36 -32.11 11.23 5.20
C ILE E 36 -31.21 10.85 4.04
N ILE E 37 -31.83 10.27 3.01
CA ILE E 37 -31.11 9.88 1.84
C ILE E 37 -31.37 10.97 0.78
N ALA E 38 -30.31 11.60 0.27
CA ALA E 38 -30.51 12.74 -0.63
C ALA E 38 -29.99 12.44 -2.02
N THR E 39 -30.76 12.83 -3.04
CA THR E 39 -30.31 12.75 -4.44
C THR E 39 -30.51 14.07 -5.15
N ALA E 40 -29.37 14.66 -5.48
CA ALA E 40 -29.31 15.89 -6.18
C ALA E 40 -29.54 15.52 -7.64
N TYR E 41 -30.32 16.31 -8.35
CA TYR E 41 -30.57 16.00 -9.72
C TYR E 41 -30.94 17.28 -10.43
N PHE E 42 -30.80 17.24 -11.75
CA PHE E 42 -31.32 18.27 -12.64
C PHE E 42 -32.52 17.67 -13.40
N PRO E 43 -33.63 18.44 -13.50
CA PRO E 43 -34.91 17.97 -14.07
C PRO E 43 -34.82 16.98 -15.24
N ALA E 65 -39.34 9.88 -13.45
CA ALA E 65 -38.16 10.04 -12.63
C ALA E 65 -37.63 8.69 -12.11
N PRO E 66 -36.47 8.21 -12.65
CA PRO E 66 -35.73 7.11 -12.02
C PRO E 66 -34.94 7.63 -10.80
N ILE E 67 -35.13 8.89 -10.48
CA ILE E 67 -34.72 9.39 -9.18
C ILE E 67 -35.46 8.59 -8.10
N TYR E 68 -36.74 8.35 -8.33
CA TYR E 68 -37.51 7.51 -7.43
C TYR E 68 -36.94 6.08 -7.36
N ALA E 69 -36.51 5.54 -8.48
CA ALA E 69 -35.81 4.26 -8.48
C ALA E 69 -34.61 4.34 -7.55
N ILE E 70 -33.78 5.34 -7.77
CA ILE E 70 -32.53 5.45 -7.05
C ILE E 70 -32.77 5.52 -5.54
N LEU E 71 -33.69 6.40 -5.17
CA LEU E 71 -34.13 6.51 -3.78
C LEU E 71 -34.75 5.19 -3.27
N ARG E 72 -35.55 4.49 -4.08
CA ARG E 72 -36.16 3.24 -3.61
C ARG E 72 -35.01 2.29 -3.26
N GLU E 73 -34.05 2.16 -4.19
CA GLU E 73 -32.99 1.20 -4.04
C GLU E 73 -32.10 1.59 -2.85
N ALA E 74 -31.85 2.86 -2.68
CA ALA E 74 -31.04 3.34 -1.56
C ALA E 74 -31.78 3.07 -0.23
N ASN E 75 -33.05 3.44 -0.19
CA ASN E 75 -33.88 3.11 0.98
C ASN E 75 -33.74 1.64 1.39
N ASP E 76 -33.85 0.73 0.43
CA ASP E 76 -33.72 -0.70 0.73
C ASP E 76 -32.41 -0.99 1.37
N ARG E 77 -31.36 -0.44 0.77
CA ARG E 77 -30.03 -0.78 1.18
C ARG E 77 -29.80 -0.33 2.60
N ALA E 78 -30.29 0.87 2.89
CA ALA E 78 -30.28 1.45 4.23
C ALA E 78 -31.02 0.59 5.27
N LYS E 79 -32.15 0.01 4.87
CA LYS E 79 -32.89 -0.93 5.74
C LYS E 79 -32.13 -2.25 5.94
N ALA E 80 -31.52 -2.78 4.86
CA ALA E 80 -30.67 -3.98 5.01
C ALA E 80 -29.50 -3.69 5.97
N ALA E 81 -29.03 -2.45 6.00
CA ALA E 81 -27.99 -2.05 6.94
C ALA E 81 -28.47 -1.87 8.37
N GLY E 82 -29.78 -1.78 8.60
CA GLY E 82 -30.31 -1.64 9.94
C GLY E 82 -31.03 -0.34 10.25
N ALA E 83 -31.04 0.61 9.32
CA ALA E 83 -31.69 1.89 9.59
C ALA E 83 -33.19 1.71 9.68
N THR E 84 -33.83 2.46 10.57
CA THR E 84 -35.28 2.40 10.70
C THR E 84 -35.99 3.73 10.53
N ASP E 85 -35.36 4.84 10.87
CA ASP E 85 -36.02 6.13 10.68
C ASP E 85 -35.36 6.73 9.45
N ILE E 86 -36.05 6.59 8.31
CA ILE E 86 -35.49 6.84 7.01
C ILE E 86 -36.38 7.74 6.17
N GLU E 87 -35.83 8.87 5.71
CA GLU E 87 -36.52 9.83 4.83
C GLU E 87 -35.80 9.94 3.50
N GLU E 88 -36.53 10.09 2.40
CA GLU E 88 -35.94 10.28 1.07
C GLU E 88 -36.16 11.72 0.65
N ARG E 89 -35.13 12.39 0.12
CA ARG E 89 -35.25 13.81 -0.26
C ARG E 89 -34.57 14.04 -1.62
N PRO E 90 -35.36 13.99 -2.71
CA PRO E 90 -34.79 14.47 -3.98
C PRO E 90 -34.56 15.96 -3.87
N VAL E 91 -33.38 16.41 -4.33
CA VAL E 91 -33.07 17.82 -4.25
C VAL E 91 -32.67 18.34 -5.59
N VAL E 92 -33.21 19.49 -5.99
CA VAL E 92 -32.76 20.08 -7.26
C VAL E 92 -31.46 20.85 -7.06
N GLY E 93 -30.48 20.55 -7.89
CA GLY E 93 -29.23 21.29 -7.87
C GLY E 93 -28.04 20.40 -8.08
N ALA E 94 -26.91 21.04 -8.07
CA ALA E 94 -25.65 20.38 -8.19
C ALA E 94 -25.47 19.70 -6.83
N PRO E 95 -24.84 18.51 -6.82
CA PRO E 95 -24.67 17.69 -5.63
C PRO E 95 -24.10 18.39 -4.40
N VAL E 96 -23.01 19.14 -4.57
CA VAL E 96 -22.35 19.80 -3.43
C VAL E 96 -23.20 20.92 -2.81
N ASP E 97 -23.74 21.81 -3.63
CA ASP E 97 -24.74 22.74 -3.15
C ASP E 97 -25.91 22.05 -2.46
N ALA E 98 -26.47 21.04 -3.12
CA ALA E 98 -27.71 20.44 -2.64
C ALA E 98 -27.48 19.81 -1.27
N LEU E 99 -26.41 19.03 -1.14
CA LEU E 99 -26.08 18.36 0.13
C LEU E 99 -25.75 19.31 1.25
N VAL E 100 -25.03 20.38 0.93
CA VAL E 100 -24.57 21.27 1.97
C VAL E 100 -25.71 22.09 2.52
N GLU E 101 -26.52 22.58 1.61
CA GLU E 101 -27.72 23.32 1.93
C GLU E 101 -28.75 22.47 2.67
N LEU E 102 -28.81 21.19 2.35
CA LEU E 102 -29.76 20.31 2.97
C LEU E 102 -29.32 20.01 4.40
N ALA E 103 -28.04 19.70 4.57
CA ALA E 103 -27.50 19.44 5.89
C ALA E 103 -27.79 20.62 6.85
N ASP E 104 -27.58 21.85 6.35
CA ASP E 104 -27.97 23.09 7.04
C ASP E 104 -29.45 23.06 7.41
N GLU E 105 -30.32 22.86 6.43
CA GLU E 105 -31.74 23.00 6.62
C GLU E 105 -32.30 21.98 7.61
N VAL E 106 -31.74 20.79 7.64
CA VAL E 106 -32.23 19.76 8.58
C VAL E 106 -31.41 19.69 9.85
N LYS E 107 -30.39 20.52 9.95
CA LYS E 107 -29.51 20.49 11.13
C LYS E 107 -28.79 19.16 11.25
N ALA E 108 -28.30 18.66 10.12
CA ALA E 108 -27.62 17.41 10.15
C ALA E 108 -26.49 17.46 11.15
N ASP E 109 -26.27 16.34 11.80
CA ASP E 109 -25.15 16.11 12.69
C ASP E 109 -24.00 15.45 11.96
N LEU E 110 -24.30 14.75 10.86
CA LEU E 110 -23.25 14.13 10.06
C LEU E 110 -23.67 14.09 8.63
N LEU E 111 -22.74 14.31 7.71
CA LEU E 111 -22.97 14.18 6.28
C LEU E 111 -22.06 13.09 5.73
N VAL E 112 -22.64 12.18 4.96
CA VAL E 112 -21.93 11.05 4.45
C VAL E 112 -21.99 11.01 2.92
N VAL E 113 -20.79 10.83 2.35
CA VAL E 113 -20.58 10.72 0.90
C VAL E 113 -19.52 9.64 0.66
N GLY E 114 -19.53 9.13 -0.56
CA GLY E 114 -18.52 8.20 -0.99
C GLY E 114 -17.29 8.99 -1.42
N ASN E 115 -16.25 8.29 -1.93
CA ASN E 115 -14.92 8.92 -2.12
C ASN E 115 -14.46 9.08 -3.56
N VAL E 116 -15.35 8.80 -4.51
CA VAL E 116 -15.02 8.93 -5.90
C VAL E 116 -14.55 10.38 -6.22
N GLY E 117 -13.43 10.45 -6.95
CA GLY E 117 -12.89 11.70 -7.45
C GLY E 117 -11.88 12.38 -6.57
N LEU E 118 -11.68 11.88 -5.37
CA LEU E 118 -10.85 12.53 -4.38
C LEU E 118 -9.36 12.55 -4.68
N SER E 119 -8.86 11.51 -5.35
CA SER E 119 -7.40 11.29 -5.47
C SER E 119 -6.84 11.43 -6.86
N THR E 120 -7.72 11.73 -7.83
CA THR E 120 -7.28 11.98 -9.18
C THR E 120 -6.79 13.40 -9.32
N ILE E 121 -6.01 13.60 -10.36
CA ILE E 121 -5.38 14.89 -10.58
C ILE E 121 -6.47 15.89 -10.97
N ALA E 122 -7.32 15.45 -11.86
CA ALA E 122 -8.51 16.19 -12.20
C ALA E 122 -9.42 16.54 -11.00
N GLY E 123 -9.68 15.58 -10.11
CA GLY E 123 -10.44 15.88 -8.88
C GLY E 123 -9.76 16.90 -7.99
N ARG E 124 -8.43 16.91 -7.98
CA ARG E 124 -7.66 17.84 -7.16
C ARG E 124 -7.58 19.23 -7.77
N LEU E 125 -7.40 19.33 -9.07
CA LEU E 125 -7.51 20.64 -9.72
C LEU E 125 -8.92 21.16 -9.99
N LEU E 126 -9.86 20.27 -10.33
CA LEU E 126 -11.19 20.68 -10.79
C LEU E 126 -12.31 20.56 -9.71
N GLY E 127 -12.05 19.77 -8.66
CA GLY E 127 -12.94 19.61 -7.52
C GLY E 127 -13.58 18.26 -7.55
N SER E 128 -14.11 17.80 -6.43
CA SER E 128 -14.86 16.58 -6.40
C SER E 128 -15.92 16.77 -5.37
N VAL E 129 -16.96 15.96 -5.42
CA VAL E 129 -18.02 16.08 -4.46
C VAL E 129 -17.54 15.90 -3.05
N PRO E 130 -16.79 14.81 -2.76
CA PRO E 130 -16.35 14.62 -1.41
C PRO E 130 -15.44 15.68 -0.91
N ALA E 131 -14.46 16.16 -1.71
CA ALA E 131 -13.60 17.20 -1.20
C ALA E 131 -14.36 18.47 -1.00
N ASN E 132 -15.23 18.88 -1.95
CA ASN E 132 -15.91 20.18 -1.82
C ASN E 132 -16.95 20.14 -0.65
N VAL E 133 -17.63 19.01 -0.45
CA VAL E 133 -18.49 18.84 0.73
C VAL E 133 -17.70 18.93 2.03
N ALA E 134 -16.56 18.23 2.11
CA ALA E 134 -15.83 18.26 3.36
C ALA E 134 -15.41 19.68 3.68
N ARG E 135 -15.08 20.42 2.65
CA ARG E 135 -14.57 21.78 2.86
C ARG E 135 -15.69 22.76 3.26
N ARG E 136 -16.88 22.60 2.67
CA ARG E 136 -17.97 23.58 2.81
C ARG E 136 -18.94 23.27 3.95
N SER E 137 -18.88 22.06 4.47
CA SER E 137 -19.85 21.59 5.48
C SER E 137 -19.63 22.24 6.85
N LYS E 138 -20.70 22.51 7.58
CA LYS E 138 -20.56 23.04 8.93
C LYS E 138 -20.82 21.94 9.97
N THR E 139 -20.82 20.67 9.54
CA THR E 139 -20.93 19.53 10.43
C THR E 139 -19.87 18.48 10.11
N ASP E 140 -19.82 17.45 10.94
CA ASP E 140 -18.98 16.29 10.65
C ASP E 140 -19.25 15.69 9.28
N VAL E 141 -18.18 15.25 8.59
CA VAL E 141 -18.32 14.58 7.30
C VAL E 141 -17.61 13.26 7.34
N LEU E 142 -18.36 12.23 6.95
CA LEU E 142 -17.82 10.87 6.74
C LEU E 142 -17.64 10.66 5.25
N ILE E 143 -16.39 10.37 4.87
CA ILE E 143 -16.04 10.03 3.51
C ILE E 143 -15.84 8.55 3.55
N VAL E 144 -16.77 7.85 2.94
CA VAL E 144 -16.75 6.42 2.96
C VAL E 144 -15.78 6.00 1.90
N HIS E 145 -14.98 4.99 2.19
CA HIS E 145 -14.03 4.45 1.23
C HIS E 145 -14.73 3.54 0.26
N THR E 146 -15.39 4.16 -0.71
CA THR E 146 -16.25 3.41 -1.59
C THR E 146 -15.51 2.99 -2.82
N SER E 147 -14.35 3.60 -3.09
CA SER E 147 -13.49 3.22 -4.22
C SER E 147 -12.03 3.39 -3.86
N SER F 2 -20.64 -4.61 7.60
CA SER F 2 -20.03 -4.97 8.93
C SER F 2 -19.87 -3.74 9.84
N ALA F 3 -20.22 -3.87 11.12
CA ALA F 3 -20.05 -2.78 12.08
C ALA F 3 -18.58 -2.42 12.27
N TYR F 4 -18.30 -1.14 12.44
CA TYR F 4 -16.93 -0.70 12.72
C TYR F 4 -16.39 -1.43 13.95
N GLN F 5 -15.19 -2.00 13.84
CA GLN F 5 -14.57 -2.78 14.93
C GLN F 5 -13.26 -2.22 15.46
N THR F 6 -12.64 -1.34 14.68
CA THR F 6 -11.43 -0.66 15.12
C THR F 6 -11.36 0.75 14.56
N VAL F 7 -11.21 1.69 15.49
CA VAL F 7 -11.29 3.10 15.20
C VAL F 7 -10.02 3.77 15.64
N VAL F 8 -9.44 4.56 14.72
CA VAL F 8 -8.20 5.27 14.97
C VAL F 8 -8.50 6.76 14.98
N VAL F 9 -8.09 7.46 16.03
CA VAL F 9 -8.23 8.90 16.04
C VAL F 9 -6.88 9.48 16.22
N GLY F 10 -6.63 10.57 15.51
CA GLY F 10 -5.38 11.28 15.62
C GLY F 10 -5.50 12.48 16.51
N THR F 11 -4.59 12.60 17.49
CA THR F 11 -4.48 13.80 18.31
C THR F 11 -3.05 14.32 18.40
N ASP F 12 -2.91 15.64 18.25
CA ASP F 12 -1.70 16.39 18.57
C ASP F 12 -1.79 17.13 19.90
N GLY F 13 -2.90 16.98 20.63
CA GLY F 13 -3.09 17.63 21.93
C GLY F 13 -3.72 19.01 21.91
N SER F 14 -3.98 19.58 20.75
CA SER F 14 -4.78 20.82 20.70
C SER F 14 -6.18 20.58 21.26
N ASP F 15 -6.86 21.66 21.63
CA ASP F 15 -8.23 21.55 22.08
C ASP F 15 -9.14 21.13 20.93
N SER F 16 -8.85 21.60 19.71
CA SER F 16 -9.60 21.18 18.54
C SER F 16 -9.48 19.66 18.37
N SER F 17 -8.28 19.11 18.51
CA SER F 17 -8.11 17.70 18.25
C SER F 17 -8.82 16.80 19.30
N LEU F 18 -8.88 17.28 20.55
CA LEU F 18 -9.57 16.56 21.64
C LEU F 18 -11.08 16.41 21.38
N ARG F 19 -11.69 17.38 20.71
CA ARG F 19 -13.08 17.18 20.24
C ARG F 19 -13.21 16.08 19.21
N ALA F 20 -12.20 15.90 18.37
CA ALA F 20 -12.19 14.80 17.46
C ALA F 20 -12.07 13.55 18.29
N VAL F 21 -11.29 13.60 19.37
CA VAL F 21 -11.19 12.42 20.24
C VAL F 21 -12.51 12.07 20.88
N ASP F 22 -13.24 13.09 21.28
CA ASP F 22 -14.56 12.90 21.90
C ASP F 22 -15.56 12.27 20.98
N ARG F 23 -15.56 12.68 19.71
CA ARG F 23 -16.47 12.07 18.77
C ARG F 23 -16.07 10.65 18.49
N ALA F 24 -14.77 10.38 18.48
CA ALA F 24 -14.33 9.03 18.15
C ALA F 24 -14.65 8.01 19.27
N GLY F 25 -14.53 8.44 20.53
CA GLY F 25 -15.04 7.63 21.64
C GLY F 25 -16.53 7.30 21.53
N GLN F 26 -17.33 8.33 21.22
CA GLN F 26 -18.80 8.19 21.10
C GLN F 26 -19.17 7.22 19.97
N ILE F 27 -18.39 7.26 18.89
CA ILE F 27 -18.55 6.31 17.78
C ILE F 27 -18.05 4.93 18.22
N ALA F 28 -16.89 4.88 18.86
CA ALA F 28 -16.32 3.61 19.33
C ALA F 28 -17.24 2.89 20.30
N ALA F 29 -17.90 3.66 21.17
CA ALA F 29 -18.79 3.08 22.17
C ALA F 29 -20.02 2.47 21.45
N ALA F 30 -20.67 3.23 20.58
CA ALA F 30 -21.90 2.77 19.90
C ALA F 30 -21.68 1.66 18.85
N SER F 31 -20.43 1.44 18.45
CA SER F 31 -20.07 0.33 17.57
C SER F 31 -19.46 -0.80 18.41
N ASN F 32 -19.27 -0.54 19.71
CA ASN F 32 -18.55 -1.45 20.58
C ASN F 32 -17.27 -1.90 19.94
N ALA F 33 -16.42 -0.91 19.68
CA ALA F 33 -15.18 -1.08 18.94
C ALA F 33 -13.93 -0.72 19.77
N LYS F 34 -12.77 -1.23 19.33
CA LYS F 34 -11.49 -0.78 19.89
C LYS F 34 -11.21 0.64 19.36
N LEU F 35 -10.86 1.54 20.27
CA LEU F 35 -10.39 2.86 19.92
C LEU F 35 -8.86 2.87 20.04
N ILE F 36 -8.18 3.39 19.02
CA ILE F 36 -6.75 3.62 19.07
C ILE F 36 -6.51 5.10 18.89
N ILE F 37 -5.77 5.66 19.83
CA ILE F 37 -5.47 7.08 19.86
C ILE F 37 -4.01 7.19 19.48
N ALA F 38 -3.73 8.01 18.47
CA ALA F 38 -2.39 8.15 17.99
C ALA F 38 -1.92 9.58 17.96
N THR F 39 -0.65 9.75 18.32
CA THR F 39 0.03 11.01 18.12
C THR F 39 1.30 10.84 17.26
N ALA F 40 1.39 11.65 16.22
CA ALA F 40 2.52 11.69 15.29
C ALA F 40 3.55 12.73 15.73
N TYR F 41 4.83 12.39 15.59
CA TYR F 41 5.94 13.29 15.97
C TYR F 41 7.27 12.87 15.35
N PHE F 42 8.25 13.75 15.49
CA PHE F 42 9.62 13.49 15.03
C PHE F 42 10.53 13.35 16.26
N PRO F 43 11.15 12.16 16.48
CA PRO F 43 12.16 12.06 17.55
C PRO F 43 13.52 12.54 17.08
N ALA F 65 8.70 11.54 26.61
CA ALA F 65 8.23 12.85 26.20
C ALA F 65 6.80 13.14 26.75
N PRO F 66 6.30 14.40 26.63
CA PRO F 66 4.91 14.73 27.02
C PRO F 66 3.89 14.32 25.96
N ILE F 67 4.39 13.64 24.93
CA ILE F 67 3.58 12.91 23.98
C ILE F 67 2.79 11.80 24.67
N TYR F 68 3.26 11.30 25.82
CA TYR F 68 2.47 10.39 26.63
C TYR F 68 1.36 11.09 27.44
N ALA F 69 1.58 12.36 27.79
CA ALA F 69 0.57 13.16 28.49
C ALA F 69 -0.53 13.69 27.56
N ILE F 70 -0.23 13.86 26.28
CA ILE F 70 -1.27 14.20 25.32
C ILE F 70 -2.17 12.99 25.22
N LEU F 71 -1.58 11.80 25.13
CA LEU F 71 -2.33 10.54 25.02
C LEU F 71 -3.07 10.22 26.32
N ARG F 72 -2.46 10.57 27.45
CA ARG F 72 -3.11 10.44 28.74
C ARG F 72 -4.42 11.20 28.72
N GLU F 73 -4.36 12.51 28.43
CA GLU F 73 -5.54 13.38 28.36
C GLU F 73 -6.55 12.92 27.30
N ALA F 74 -6.04 12.53 26.12
CA ALA F 74 -6.87 12.01 25.02
C ALA F 74 -7.60 10.74 25.46
N ASN F 75 -6.90 9.87 26.16
CA ASN F 75 -7.50 8.72 26.84
C ASN F 75 -8.61 9.15 27.80
N ASP F 76 -8.32 10.12 28.66
CA ASP F 76 -9.30 10.68 29.62
C ASP F 76 -10.57 11.14 28.92
N ARG F 77 -10.40 11.84 27.81
CA ARG F 77 -11.53 12.35 27.04
C ARG F 77 -12.31 11.24 26.36
N ALA F 78 -11.58 10.26 25.85
CA ALA F 78 -12.19 9.14 25.14
C ALA F 78 -12.99 8.26 26.10
N LYS F 79 -12.39 8.02 27.26
CA LYS F 79 -13.01 7.26 28.35
C LYS F 79 -14.30 7.97 28.82
N ALA F 80 -14.19 9.28 29.05
CA ALA F 80 -15.34 10.14 29.40
C ALA F 80 -16.45 10.03 28.39
N ALA F 81 -16.08 9.88 27.12
CA ALA F 81 -17.03 9.80 26.02
C ALA F 81 -17.63 8.43 25.88
N GLY F 82 -17.07 7.47 26.61
CA GLY F 82 -17.70 6.16 26.76
C GLY F 82 -17.09 5.01 25.99
N ALA F 83 -15.86 5.16 25.52
CA ALA F 83 -15.18 4.01 24.95
C ALA F 83 -14.58 3.28 26.12
N THR F 84 -14.49 1.96 25.99
CA THR F 84 -13.99 1.09 27.05
C THR F 84 -12.68 0.35 26.68
N ASP F 85 -12.40 0.29 25.38
CA ASP F 85 -11.26 -0.46 24.85
C ASP F 85 -10.32 0.52 24.14
N ILE F 86 -9.67 1.33 24.98
CA ILE F 86 -8.79 2.41 24.55
C ILE F 86 -7.34 1.89 24.55
N GLU F 87 -6.53 2.40 23.62
CA GLU F 87 -5.17 1.97 23.43
C GLU F 87 -4.38 3.14 22.88
N GLU F 88 -3.19 3.39 23.43
CA GLU F 88 -2.42 4.58 23.08
C GLU F 88 -1.30 4.16 22.11
N ARG F 89 -1.19 4.85 20.96
CA ARG F 89 -0.10 4.65 20.00
C ARG F 89 0.65 5.92 19.68
N PRO F 90 1.88 6.06 20.19
CA PRO F 90 2.81 7.04 19.63
C PRO F 90 3.42 6.47 18.35
N VAL F 91 3.38 7.25 17.27
CA VAL F 91 3.94 6.86 15.97
C VAL F 91 4.82 7.99 15.45
N VAL F 92 5.84 7.61 14.70
CA VAL F 92 6.90 8.55 14.30
C VAL F 92 6.63 8.90 12.85
N GLY F 93 6.78 10.17 12.50
CA GLY F 93 6.49 10.57 11.13
C GLY F 93 5.65 11.83 11.07
N ALA F 94 5.43 12.30 9.84
CA ALA F 94 4.57 13.47 9.65
C ALA F 94 3.19 12.90 9.85
N PRO F 95 2.26 13.70 10.42
CA PRO F 95 1.00 13.13 10.90
C PRO F 95 0.20 12.35 9.83
N VAL F 96 0.21 12.80 8.57
CA VAL F 96 -0.65 12.20 7.57
C VAL F 96 -0.26 10.77 7.25
N ASP F 97 0.94 10.60 6.75
CA ASP F 97 1.37 9.34 6.27
C ASP F 97 1.51 8.44 7.50
N ALA F 98 1.78 9.02 8.66
CA ALA F 98 1.83 8.18 9.86
C ALA F 98 0.48 7.58 10.28
N LEU F 99 -0.58 8.35 10.15
CA LEU F 99 -1.90 7.89 10.54
C LEU F 99 -2.46 6.98 9.50
N VAL F 100 -2.32 7.32 8.23
CA VAL F 100 -2.83 6.42 7.18
C VAL F 100 -2.16 5.04 7.30
N GLU F 101 -0.88 5.04 7.66
CA GLU F 101 -0.11 3.82 7.74
C GLU F 101 -0.44 3.01 8.98
N LEU F 102 -0.77 3.71 10.05
CA LEU F 102 -1.17 3.06 11.26
C LEU F 102 -2.55 2.42 11.05
N ALA F 103 -3.45 3.15 10.39
CA ALA F 103 -4.73 2.59 9.99
C ALA F 103 -4.57 1.32 9.14
N ASP F 104 -3.67 1.37 8.17
CA ASP F 104 -3.42 0.22 7.30
C ASP F 104 -2.85 -0.97 8.12
N GLU F 105 -1.81 -0.68 8.93
CA GLU F 105 -1.14 -1.69 9.76
C GLU F 105 -2.08 -2.37 10.74
N VAL F 106 -2.89 -1.57 11.41
CA VAL F 106 -3.77 -2.06 12.47
C VAL F 106 -5.16 -2.47 11.93
N LYS F 107 -5.33 -2.42 10.61
CA LYS F 107 -6.56 -2.85 9.91
C LYS F 107 -7.81 -2.06 10.37
N ALA F 108 -7.64 -0.77 10.62
CA ALA F 108 -8.72 0.06 11.11
C ALA F 108 -9.84 0.20 10.10
N ASP F 109 -11.07 0.35 10.61
CA ASP F 109 -12.25 0.57 9.77
C ASP F 109 -12.62 2.03 9.70
N LEU F 110 -12.11 2.82 10.62
CA LEU F 110 -12.39 4.23 10.63
C LEU F 110 -11.19 4.98 11.14
N LEU F 111 -10.82 6.02 10.41
CA LEU F 111 -9.78 6.94 10.78
C LEU F 111 -10.40 8.31 11.02
N VAL F 112 -10.20 8.88 12.22
CA VAL F 112 -10.94 10.09 12.57
C VAL F 112 -9.95 11.21 12.77
N VAL F 113 -10.29 12.40 12.25
CA VAL F 113 -9.45 13.59 12.44
C VAL F 113 -10.33 14.83 12.52
N GLY F 114 -9.82 15.87 13.18
CA GLY F 114 -10.47 17.22 13.21
C GLY F 114 -10.26 17.99 11.92
N ASN F 115 -10.86 19.16 11.79
CA ASN F 115 -10.83 19.85 10.51
C ASN F 115 -9.89 21.02 10.42
N VAL F 116 -8.96 21.15 11.35
CA VAL F 116 -8.11 22.34 11.30
C VAL F 116 -7.30 22.33 10.02
N GLY F 117 -7.37 23.46 9.33
CA GLY F 117 -6.54 23.69 8.16
C GLY F 117 -7.30 23.53 6.86
N LEU F 118 -8.46 22.88 6.92
CA LEU F 118 -9.15 22.39 5.75
C LEU F 118 -9.63 23.48 4.85
N SER F 119 -10.08 24.60 5.39
CA SER F 119 -10.68 25.68 4.61
C SER F 119 -9.89 27.00 4.60
N THR F 120 -8.73 27.06 5.23
CA THR F 120 -7.94 28.25 5.19
C THR F 120 -7.33 28.28 3.80
N ILE F 121 -6.98 29.46 3.33
CA ILE F 121 -6.40 29.58 2.02
C ILE F 121 -5.03 28.88 1.94
N ALA F 122 -4.23 28.91 3.02
CA ALA F 122 -3.00 28.17 3.10
C ALA F 122 -3.26 26.69 3.02
N GLY F 123 -4.28 26.22 3.74
CA GLY F 123 -4.57 24.76 3.69
C GLY F 123 -5.06 24.28 2.33
N ARG F 124 -5.81 25.11 1.64
CA ARG F 124 -6.35 24.79 0.34
C ARG F 124 -5.28 24.75 -0.75
N LEU F 125 -4.35 25.67 -0.68
CA LEU F 125 -3.21 25.73 -1.58
C LEU F 125 -2.11 24.69 -1.29
N LEU F 126 -1.71 24.55 -0.03
CA LEU F 126 -0.59 23.68 0.34
C LEU F 126 -0.93 22.28 0.85
N GLY F 127 -2.22 22.00 1.09
CA GLY F 127 -2.55 20.80 1.87
C GLY F 127 -2.84 21.09 3.34
N SER F 128 -3.54 20.15 3.94
CA SER F 128 -3.83 20.11 5.34
C SER F 128 -3.89 18.62 5.74
N VAL F 129 -3.80 18.34 7.04
CA VAL F 129 -3.90 17.00 7.55
C VAL F 129 -5.23 16.41 7.22
N PRO F 130 -6.31 17.16 7.45
CA PRO F 130 -7.56 16.48 7.09
C PRO F 130 -7.76 16.17 5.59
N ALA F 131 -7.54 17.12 4.69
CA ALA F 131 -7.69 16.79 3.25
C ALA F 131 -6.73 15.65 2.82
N ASN F 132 -5.52 15.70 3.29
CA ASN F 132 -4.50 14.75 2.90
C ASN F 132 -4.80 13.37 3.47
N VAL F 133 -5.25 13.33 4.71
CA VAL F 133 -5.64 12.01 5.26
C VAL F 133 -6.76 11.42 4.43
N ALA F 134 -7.73 12.25 4.14
CA ALA F 134 -8.86 11.87 3.29
C ALA F 134 -8.50 11.30 1.99
N ARG F 135 -7.59 11.96 1.29
CA ARG F 135 -7.17 11.46 0.00
C ARG F 135 -6.44 10.17 0.10
N ARG F 136 -5.66 9.97 1.15
CA ARG F 136 -4.70 8.85 1.12
C ARG F 136 -5.16 7.67 1.90
N SER F 137 -6.16 7.83 2.75
CA SER F 137 -6.55 6.71 3.61
C SER F 137 -7.03 5.53 2.80
N LYS F 138 -6.76 4.33 3.30
CA LYS F 138 -7.32 3.13 2.71
C LYS F 138 -8.66 2.70 3.39
N THR F 139 -9.20 3.56 4.24
CA THR F 139 -10.39 3.23 5.01
C THR F 139 -11.31 4.46 5.12
N ASP F 140 -12.53 4.25 5.63
CA ASP F 140 -13.45 5.38 5.78
C ASP F 140 -12.72 6.42 6.60
N VAL F 141 -13.00 7.68 6.37
CA VAL F 141 -12.43 8.74 7.16
C VAL F 141 -13.49 9.70 7.69
N LEU F 142 -13.37 10.01 8.97
CA LEU F 142 -14.29 10.95 9.57
C LEU F 142 -13.58 12.23 9.85
N ILE F 143 -14.07 13.28 9.20
CA ILE F 143 -13.63 14.62 9.51
C ILE F 143 -14.59 15.33 10.48
N VAL F 144 -14.18 15.42 11.73
CA VAL F 144 -14.99 15.98 12.82
C VAL F 144 -14.92 17.47 12.71
N HIS F 145 -16.05 18.14 12.76
CA HIS F 145 -16.05 19.57 12.65
C HIS F 145 -15.61 20.24 13.95
N THR F 146 -14.31 20.41 14.13
CA THR F 146 -13.74 20.85 15.38
C THR F 146 -13.27 22.32 15.45
N SER F 147 -13.37 23.07 14.36
CA SER F 147 -13.03 24.48 14.43
C SER F 147 -13.40 25.21 13.16
#